data_3OIF
#
_entry.id   3OIF
#
_cell.length_a   64.098
_cell.length_b   83.655
_cell.length_c   203.547
_cell.angle_alpha   90.00
_cell.angle_beta   90.00
_cell.angle_gamma   90.00
#
_symmetry.space_group_name_H-M   'P 21 21 21'
#
loop_
_entity.id
_entity.type
_entity.pdbx_description
1 polymer 'Enoyl-[acyl-carrier-protein] reductase [NADH]'
2 non-polymer NICOTINAMIDE-ADENINE-DINUCLEOTIDE
3 non-polymer TRICLOSAN
4 water water
#
_entity_poly.entity_id   1
_entity_poly.type   'polypeptide(L)'
_entity_poly.pdbx_seq_one_letter_code
;MNFSLEGRNIVVMGVANKRSIAWGIARSLHEAGARLIFTYAGERLEKSVHELAGTLDRNDSIILPCDVTNDAEIETCFAS
IKEQVGVIHGIAHCIAFANKEELVGEYLNTNRDGFLLAHNISSYSLTAVVKAARPMMTEGGSIVTLTYLGGELVMPNYNV
MGVAKASLDASVKYLAADLGKENIRVNSISAGPIRTLSAKGISDFNSILKDIEERAPLRRTTTPEEVGDTAAFLFSDMSR
GITGENLHVDSGFHITARLEHHHHHH
;
_entity_poly.pdbx_strand_id   A,B,C,D
#
loop_
_chem_comp.id
_chem_comp.type
_chem_comp.name
_chem_comp.formula
NAD non-polymer NICOTINAMIDE-ADENINE-DINUCLEOTIDE 'C21 H27 N7 O14 P2'
TCL non-polymer TRICLOSAN 'C12 H7 Cl3 O2'
#
# COMPACT_ATOMS: atom_id res chain seq x y z
N MET A 1 16.51 -24.51 8.97
CA MET A 1 17.73 -24.20 9.80
C MET A 1 17.41 -24.17 11.31
N ASN A 2 18.03 -23.23 12.03
CA ASN A 2 17.76 -23.04 13.45
C ASN A 2 17.72 -21.57 13.92
N PHE A 3 17.20 -21.40 15.14
CA PHE A 3 16.90 -20.10 15.76
C PHE A 3 18.08 -19.39 16.44
N SER A 4 19.15 -20.14 16.68
CA SER A 4 20.29 -19.68 17.47
C SER A 4 21.01 -18.52 16.79
N LEU A 5 21.37 -17.51 17.58
CA LEU A 5 22.24 -16.42 17.13
C LEU A 5 23.65 -16.51 17.75
N GLU A 6 24.02 -17.72 18.20
CA GLU A 6 25.38 -18.03 18.66
C GLU A 6 26.38 -17.78 17.52
N GLY A 7 27.41 -17.00 17.81
CA GLY A 7 28.46 -16.74 16.83
C GLY A 7 28.20 -15.52 15.98
N ARG A 8 27.16 -14.77 16.33
CA ARG A 8 26.82 -13.53 15.67
C ARG A 8 26.96 -12.31 16.57
N ASN A 9 27.54 -11.27 15.99
CA ASN A 9 27.69 -10.01 16.65
C ASN A 9 26.69 -9.01 16.08
N ILE A 10 25.85 -8.47 16.96
CA ILE A 10 24.78 -7.57 16.55
C ILE A 10 24.90 -6.26 17.32
N VAL A 11 24.90 -5.16 16.56
CA VAL A 11 25.02 -3.83 17.12
C VAL A 11 23.65 -3.27 17.36
N VAL A 12 23.28 -3.06 18.61
CA VAL A 12 21.98 -2.48 19.00
C VAL A 12 22.18 -1.01 19.34
N MET A 13 21.72 -0.13 18.45
CA MET A 13 21.81 1.31 18.65
C MET A 13 20.48 1.88 19.15
N GLY A 14 20.50 2.57 20.27
CA GLY A 14 19.31 3.26 20.68
C GLY A 14 18.81 2.87 22.04
N VAL A 15 19.61 2.13 22.78
CA VAL A 15 19.25 1.92 24.17
C VAL A 15 19.39 3.23 24.92
N ALA A 16 18.42 3.49 25.80
CA ALA A 16 18.40 4.63 26.69
C ALA A 16 17.93 4.23 28.11
N ASN A 17 17.01 3.28 28.20
CA ASN A 17 16.59 2.79 29.49
C ASN A 17 15.83 1.47 29.37
N LYS A 18 15.28 1.02 30.51
CA LYS A 18 14.72 -0.31 30.62
C LYS A 18 13.39 -0.39 29.87
N ARG A 19 12.94 0.73 29.33
CA ARG A 19 11.64 0.73 28.71
C ARG A 19 11.81 0.70 27.20
N SER A 20 13.02 0.98 26.76
CA SER A 20 13.31 1.15 25.36
C SER A 20 13.05 -0.13 24.59
N ILE A 21 12.59 0.03 23.34
CA ILE A 21 12.33 -1.11 22.46
C ILE A 21 13.63 -1.79 22.14
N ALA A 22 14.71 -1.01 22.01
CA ALA A 22 16.05 -1.56 21.79
C ALA A 22 16.45 -2.50 22.94
N TRP A 23 16.00 -2.17 24.16
CA TRP A 23 16.28 -3.03 25.30
C TRP A 23 15.55 -4.36 25.23
N GLY A 24 14.36 -4.34 24.63
CA GLY A 24 13.58 -5.55 24.37
C GLY A 24 14.28 -6.32 23.28
N ILE A 25 14.80 -5.61 22.30
CA ILE A 25 15.49 -6.30 21.22
C ILE A 25 16.74 -6.89 21.81
N ALA A 26 17.32 -6.17 22.77
CA ALA A 26 18.58 -6.55 23.41
C ALA A 26 18.45 -7.88 24.08
N ARG A 27 17.48 -7.97 25.01
CA ARG A 27 17.29 -9.22 25.73
C ARG A 27 17.11 -10.33 24.72
N SER A 28 15.99 -10.30 24.00
CA SER A 28 15.71 -11.32 22.99
C SER A 28 16.94 -11.80 22.20
N LEU A 29 17.75 -10.87 21.69
CA LEU A 29 18.90 -11.29 20.86
C LEU A 29 19.96 -12.00 21.72
N HIS A 30 20.25 -11.40 22.87
CA HIS A 30 21.14 -11.99 23.85
C HIS A 30 20.60 -13.34 24.21
N GLU A 31 19.34 -13.47 24.58
CA GLU A 31 18.95 -14.83 24.96
C GLU A 31 18.87 -15.85 23.82
N ALA A 32 18.95 -15.41 22.58
CA ALA A 32 19.07 -16.35 21.43
C ALA A 32 20.54 -16.66 21.17
N GLY A 33 21.39 -16.11 22.06
CA GLY A 33 22.80 -16.41 22.10
C GLY A 33 23.63 -15.52 21.21
N ALA A 34 23.28 -14.24 21.14
CA ALA A 34 24.04 -13.28 20.34
C ALA A 34 24.96 -12.42 21.21
N ARG A 35 26.00 -11.87 20.61
CA ARG A 35 26.87 -10.97 21.35
C ARG A 35 26.52 -9.53 21.03
N LEU A 36 26.09 -8.78 22.03
CA LEU A 36 25.55 -7.48 21.75
C LEU A 36 26.60 -6.42 21.85
N ILE A 37 26.61 -5.52 20.88
CA ILE A 37 27.47 -4.35 20.87
C ILE A 37 26.54 -3.15 20.99
N PHE A 38 26.57 -2.45 22.11
CA PHE A 38 25.64 -1.33 22.29
C PHE A 38 26.22 0.01 21.82
N THR A 39 25.35 0.98 21.54
CA THR A 39 25.76 2.37 21.31
C THR A 39 24.76 3.31 21.98
N TYR A 40 25.29 4.25 22.75
CA TYR A 40 24.48 5.27 23.40
C TYR A 40 24.78 6.59 22.71
N ALA A 41 23.85 7.53 22.81
CA ALA A 41 23.99 8.86 22.20
C ALA A 41 24.62 9.82 23.19
N GLY A 42 25.95 9.94 23.17
CA GLY A 42 26.66 10.80 24.11
C GLY A 42 26.64 10.41 25.59
N GLU A 43 27.55 11.03 26.35
CA GLU A 43 27.86 10.65 27.74
C GLU A 43 26.73 10.69 28.78
N ARG A 44 25.67 11.42 28.51
CA ARG A 44 24.48 11.33 29.36
C ARG A 44 24.02 9.86 29.58
N LEU A 45 24.12 9.05 28.53
CA LEU A 45 23.58 7.69 28.53
C LEU A 45 24.58 6.58 28.94
N GLU A 46 25.88 6.89 28.81
CA GLU A 46 27.00 6.01 29.17
C GLU A 46 26.78 5.15 30.41
N LYS A 47 26.57 5.78 31.56
CA LYS A 47 26.36 5.01 32.78
C LYS A 47 25.07 4.10 32.77
N SER A 48 23.99 4.60 32.16
CA SER A 48 22.70 3.89 32.14
C SER A 48 22.71 2.65 31.23
N VAL A 49 23.49 2.71 30.15
CA VAL A 49 23.60 1.59 29.23
C VAL A 49 24.49 0.48 29.81
N HIS A 50 25.64 0.90 30.37
CA HIS A 50 26.56 -0.01 31.06
C HIS A 50 25.76 -0.79 32.13
N GLU A 51 24.97 -0.06 32.93
CA GLU A 51 24.19 -0.68 33.98
C GLU A 51 23.15 -1.64 33.40
N LEU A 52 22.46 -1.25 32.33
CA LEU A 52 21.52 -2.17 31.68
C LEU A 52 22.20 -3.44 31.15
N ALA A 53 23.17 -3.28 30.24
CA ALA A 53 23.94 -4.42 29.73
C ALA A 53 24.47 -5.36 30.83
N GLY A 54 24.92 -4.77 31.95
CA GLY A 54 25.40 -5.54 33.08
C GLY A 54 24.39 -6.53 33.61
N THR A 55 23.12 -6.28 33.34
CA THR A 55 22.09 -7.20 33.82
C THR A 55 21.97 -8.50 33.01
N LEU A 56 22.58 -8.55 31.83
CA LEU A 56 22.45 -9.73 30.96
C LEU A 56 23.17 -10.92 31.53
N ASP A 57 22.68 -12.11 31.19
CA ASP A 57 23.25 -13.39 31.60
C ASP A 57 24.79 -13.41 31.37
N ARG A 58 25.24 -13.52 30.11
CA ARG A 58 26.69 -13.54 29.80
C ARG A 58 27.33 -12.18 30.03
N ASN A 59 28.65 -12.13 30.03
CA ASN A 59 29.39 -10.85 30.22
C ASN A 59 30.37 -10.51 29.08
N ASP A 60 29.91 -10.67 27.84
CA ASP A 60 30.71 -10.33 26.66
C ASP A 60 30.31 -9.01 26.00
N SER A 61 29.27 -8.35 26.50
CA SER A 61 28.70 -7.15 25.87
C SER A 61 29.67 -6.00 25.75
N ILE A 62 29.68 -5.34 24.59
CA ILE A 62 30.49 -4.15 24.32
C ILE A 62 29.63 -2.87 24.32
N ILE A 63 30.22 -1.72 24.56
CA ILE A 63 29.46 -0.49 24.81
C ILE A 63 30.21 0.72 24.26
N LEU A 64 29.70 1.32 23.19
CA LEU A 64 30.42 2.42 22.55
C LEU A 64 29.57 3.66 22.32
N PRO A 65 30.16 4.85 22.41
CA PRO A 65 29.29 5.98 22.05
C PRO A 65 29.23 6.13 20.52
N CYS A 66 28.08 6.54 20.02
CA CYS A 66 27.90 6.84 18.58
C CYS A 66 26.75 7.84 18.37
N ASP A 67 27.10 9.09 18.06
CA ASP A 67 26.12 10.13 17.76
C ASP A 67 25.96 10.23 16.26
N VAL A 68 24.79 9.80 15.81
CA VAL A 68 24.61 9.43 14.41
C VAL A 68 24.56 10.63 13.50
N THR A 69 24.59 11.81 14.09
CA THR A 69 24.61 13.01 13.32
C THR A 69 26.04 13.55 13.15
N ASN A 70 26.84 12.86 12.34
CA ASN A 70 28.29 13.11 12.29
C ASN A 70 29.04 11.92 11.72
N ASP A 71 29.45 12.01 10.45
CA ASP A 71 30.09 10.90 9.77
C ASP A 71 31.29 10.35 10.54
N ALA A 72 32.08 11.26 11.12
CA ALA A 72 33.36 10.89 11.76
C ALA A 72 33.21 10.02 13.01
N GLU A 73 32.40 10.49 13.96
CA GLU A 73 32.10 9.68 15.13
C GLU A 73 31.56 8.29 14.74
N ILE A 74 30.73 8.23 13.69
CA ILE A 74 30.15 6.97 13.27
C ILE A 74 31.27 6.00 12.89
N GLU A 75 32.08 6.33 11.89
CA GLU A 75 33.22 5.46 11.50
C GLU A 75 34.18 5.17 12.67
N THR A 76 34.49 6.19 13.47
CA THR A 76 35.25 6.02 14.71
C THR A 76 34.65 4.88 15.52
N CYS A 77 33.38 4.99 15.87
CA CYS A 77 32.67 3.97 16.63
C CYS A 77 32.76 2.62 15.93
N PHE A 78 32.55 2.60 14.63
CA PHE A 78 32.55 1.35 13.90
C PHE A 78 33.92 0.74 13.71
N ALA A 79 34.94 1.61 13.67
CA ALA A 79 36.37 1.24 13.57
C ALA A 79 36.79 0.46 14.80
N SER A 80 36.43 1.00 15.95
CA SER A 80 36.49 0.28 17.21
C SER A 80 35.76 -1.09 17.14
N ILE A 81 34.47 -1.13 16.76
CA ILE A 81 33.73 -2.41 16.71
C ILE A 81 34.49 -3.45 15.89
N LYS A 82 35.05 -3.01 14.76
CA LYS A 82 35.88 -3.88 13.91
C LYS A 82 37.11 -4.45 14.63
N GLU A 83 37.87 -3.59 15.29
CA GLU A 83 39.00 -4.01 16.09
C GLU A 83 38.58 -5.13 17.05
N GLN A 84 37.47 -4.89 17.78
CA GLN A 84 37.07 -5.78 18.88
C GLN A 84 36.48 -7.14 18.46
N VAL A 85 35.56 -7.18 17.50
CA VAL A 85 34.84 -8.42 17.14
C VAL A 85 35.06 -8.84 15.69
N GLY A 86 35.65 -7.95 14.90
CA GLY A 86 36.09 -8.31 13.56
C GLY A 86 34.97 -8.40 12.55
N VAL A 87 33.93 -9.19 12.85
CA VAL A 87 32.77 -9.26 11.97
C VAL A 87 31.48 -8.92 12.72
N ILE A 88 30.61 -8.17 12.04
CA ILE A 88 29.28 -7.78 12.52
C ILE A 88 28.30 -8.57 11.68
N HIS A 89 27.27 -9.07 12.32
CA HIS A 89 26.31 -9.92 11.63
C HIS A 89 24.92 -9.29 11.56
N GLY A 90 24.76 -8.16 12.25
CA GLY A 90 23.50 -7.45 12.20
C GLY A 90 23.48 -6.12 12.93
N ILE A 91 22.50 -5.30 12.54
CA ILE A 91 22.24 -4.04 13.21
C ILE A 91 20.77 -3.80 13.58
N ALA A 92 20.58 -3.37 14.81
CA ALA A 92 19.31 -3.04 15.30
C ALA A 92 19.31 -1.52 15.30
N HIS A 93 18.70 -0.92 14.27
CA HIS A 93 18.59 0.52 14.19
C HIS A 93 17.40 1.02 14.97
N CYS A 94 17.63 1.59 16.13
CA CYS A 94 16.50 2.04 16.93
C CYS A 94 16.62 3.51 17.28
N ILE A 95 17.03 4.31 16.31
CA ILE A 95 17.27 5.70 16.61
C ILE A 95 16.24 6.55 15.92
N ALA A 96 15.57 7.41 16.69
CA ALA A 96 14.69 8.47 16.12
C ALA A 96 14.75 9.77 16.89
N PHE A 97 14.32 10.85 16.26
CA PHE A 97 14.11 12.12 16.95
C PHE A 97 13.45 13.15 16.02
N ALA A 98 12.71 14.07 16.64
CA ALA A 98 12.10 15.25 16.01
C ALA A 98 11.79 16.29 17.10
N ASN A 99 11.60 17.55 16.70
CA ASN A 99 11.27 18.59 17.68
C ASN A 99 9.85 18.38 18.23
N LYS A 100 9.73 18.54 19.54
CA LYS A 100 8.54 18.09 20.26
C LYS A 100 7.36 19.05 20.04
N GLU A 101 7.69 20.30 19.72
CA GLU A 101 6.65 21.28 19.38
C GLU A 101 6.16 21.09 17.95
N GLU A 102 6.87 20.27 17.17
CA GLU A 102 6.44 19.90 15.83
C GLU A 102 5.37 18.80 15.82
N LEU A 103 5.37 17.98 16.88
CA LEU A 103 4.50 16.81 16.99
C LEU A 103 3.27 17.11 17.83
N VAL A 104 2.83 18.36 17.78
CA VAL A 104 1.62 18.79 18.46
C VAL A 104 0.83 19.54 17.38
N GLY A 105 -0.46 19.23 17.27
CA GLY A 105 -1.34 19.98 16.39
C GLY A 105 -1.27 19.67 14.91
N GLU A 106 -0.97 20.67 14.10
CA GLU A 106 -1.00 20.50 12.66
C GLU A 106 0.37 20.01 12.25
N TYR A 107 0.45 19.28 11.14
CA TYR A 107 1.74 18.88 10.59
C TYR A 107 2.52 20.15 10.32
N LEU A 108 1.79 21.19 9.89
CA LEU A 108 2.37 22.49 9.50
C LEU A 108 3.11 23.26 10.58
N ASN A 109 3.12 22.75 11.81
CA ASN A 109 3.97 23.32 12.87
C ASN A 109 5.46 23.01 12.67
N THR A 110 5.79 22.20 11.67
CA THR A 110 7.19 21.92 11.34
C THR A 110 7.75 23.09 10.57
N ASN A 111 9.02 22.99 10.20
CA ASN A 111 9.74 24.02 9.45
C ASN A 111 11.03 23.43 8.86
N ARG A 112 11.67 24.14 7.94
CA ARG A 112 12.79 23.58 7.18
C ARG A 112 13.85 22.94 8.08
N ASP A 113 14.13 23.61 9.19
CA ASP A 113 15.13 23.14 10.14
C ASP A 113 14.74 21.80 10.79
N GLY A 114 13.53 21.74 11.35
CA GLY A 114 13.06 20.55 12.07
C GLY A 114 12.81 19.36 11.15
N PHE A 115 12.08 19.61 10.07
CA PHE A 115 11.89 18.63 9.01
C PHE A 115 13.24 17.94 8.71
N LEU A 116 14.28 18.70 8.41
CA LEU A 116 15.56 18.07 8.00
C LEU A 116 16.28 17.41 9.16
N LEU A 117 16.14 17.98 10.35
CA LEU A 117 16.64 17.34 11.57
C LEU A 117 15.98 15.97 11.78
N ALA A 118 14.65 15.97 11.77
CA ALA A 118 13.87 14.75 11.79
C ALA A 118 14.28 13.75 10.70
N HIS A 119 14.54 14.20 9.49
CA HIS A 119 14.95 13.25 8.42
C HIS A 119 16.39 12.76 8.60
N ASN A 120 17.22 13.60 9.20
CA ASN A 120 18.62 13.30 9.39
C ASN A 120 18.84 12.26 10.47
N ILE A 121 18.39 12.58 11.69
CA ILE A 121 18.35 11.58 12.79
C ILE A 121 17.51 10.35 12.46
N SER A 122 16.29 10.52 11.94
CA SER A 122 15.30 9.44 11.89
C SER A 122 15.33 8.54 10.65
N SER A 123 15.83 9.07 9.54
CA SER A 123 15.86 8.34 8.28
C SER A 123 17.28 8.18 7.75
N TYR A 124 18.00 9.29 7.60
CA TYR A 124 19.38 9.21 7.11
C TYR A 124 20.30 8.32 7.94
N SER A 125 20.18 8.40 9.26
CA SER A 125 21.03 7.66 10.16
C SER A 125 21.13 6.19 9.82
N LEU A 126 20.07 5.61 9.26
CA LEU A 126 20.16 4.21 8.86
C LEU A 126 21.19 4.02 7.77
N THR A 127 21.08 4.83 6.72
CA THR A 127 21.97 4.70 5.57
C THR A 127 23.38 4.92 6.04
N ALA A 128 23.50 5.93 6.90
CA ALA A 128 24.77 6.29 7.54
C ALA A 128 25.44 5.08 8.21
N VAL A 129 24.71 4.45 9.13
CA VAL A 129 25.20 3.33 9.89
C VAL A 129 25.54 2.14 8.99
N VAL A 130 24.90 2.06 7.84
CA VAL A 130 25.10 0.96 6.93
C VAL A 130 26.36 1.19 6.07
N LYS A 131 26.58 2.44 5.67
CA LYS A 131 27.76 2.77 4.86
C LYS A 131 28.96 2.32 5.65
N ALA A 132 28.98 2.76 6.91
CA ALA A 132 30.10 2.57 7.84
C ALA A 132 30.30 1.07 8.15
N ALA A 133 29.21 0.41 8.52
CA ALA A 133 29.21 -1.00 8.86
C ALA A 133 29.38 -1.99 7.67
N ARG A 134 29.11 -1.57 6.44
CA ARG A 134 29.14 -2.50 5.28
C ARG A 134 30.45 -3.29 5.11
N PRO A 135 31.62 -2.63 5.28
CA PRO A 135 32.88 -3.34 5.07
C PRO A 135 33.06 -4.49 6.06
N MET A 136 32.46 -4.40 7.24
CA MET A 136 32.60 -5.44 8.25
C MET A 136 31.62 -6.59 8.08
N MET A 137 30.67 -6.41 7.18
CA MET A 137 29.57 -7.34 7.05
C MET A 137 29.84 -8.35 5.93
N THR A 138 30.71 -9.30 6.25
CA THR A 138 31.39 -10.16 5.26
C THR A 138 30.90 -11.59 5.31
N GLU A 139 30.13 -11.94 6.33
CA GLU A 139 29.54 -13.29 6.40
C GLU A 139 28.00 -13.22 6.42
N GLY A 140 27.40 -12.56 5.44
CA GLY A 140 25.97 -12.36 5.47
C GLY A 140 25.67 -11.20 6.39
N GLY A 141 24.43 -11.09 6.85
CA GLY A 141 23.98 -9.97 7.65
C GLY A 141 22.48 -9.73 7.66
N SER A 142 22.00 -9.11 8.73
CA SER A 142 20.63 -8.70 8.82
C SER A 142 20.61 -7.34 9.50
N ILE A 143 20.01 -6.37 8.83
CA ILE A 143 19.84 -5.03 9.40
C ILE A 143 18.37 -4.83 9.61
N VAL A 144 18.00 -4.45 10.83
CA VAL A 144 16.61 -4.23 11.19
C VAL A 144 16.40 -2.85 11.80
N THR A 145 15.36 -2.14 11.33
CA THR A 145 15.03 -0.80 11.82
C THR A 145 13.60 -0.68 12.36
N LEU A 146 13.30 0.43 13.03
CA LEU A 146 11.98 0.56 13.63
C LEU A 146 11.16 1.72 13.09
N THR A 147 10.01 1.39 12.48
CA THR A 147 9.10 2.39 11.94
C THR A 147 7.76 2.43 12.71
N TYR A 148 6.77 3.10 12.15
CA TYR A 148 5.50 3.20 12.85
C TYR A 148 4.41 3.53 11.83
N LEU A 149 3.19 3.06 12.11
CA LEU A 149 2.00 3.24 11.28
C LEU A 149 1.77 4.67 10.80
N GLY A 150 2.27 5.64 11.56
CA GLY A 150 2.28 7.04 11.12
C GLY A 150 2.96 7.38 9.78
N GLY A 151 3.79 6.47 9.27
CA GLY A 151 4.49 6.62 7.99
C GLY A 151 3.70 6.01 6.84
N GLU A 152 2.49 5.56 7.15
CA GLU A 152 1.59 4.90 6.20
C GLU A 152 0.30 5.73 6.19
N LEU A 153 -0.22 6.02 7.38
CA LEU A 153 -1.43 6.83 7.57
C LEU A 153 -1.11 8.08 8.32
N VAL A 154 -2.04 9.03 8.28
CA VAL A 154 -1.98 10.17 9.15
C VAL A 154 -2.40 9.66 10.51
N MET A 155 -1.45 9.77 11.44
CA MET A 155 -1.72 9.56 12.85
C MET A 155 -1.78 10.93 13.49
N PRO A 156 -2.83 11.19 14.28
CA PRO A 156 -2.85 12.43 15.05
C PRO A 156 -1.46 12.71 15.68
N ASN A 157 -0.97 13.95 15.55
CA ASN A 157 0.30 14.42 16.17
C ASN A 157 1.62 13.75 15.74
N TYR A 158 1.58 12.72 14.90
CA TYR A 158 2.83 12.07 14.51
C TYR A 158 3.55 12.93 13.48
N ASN A 159 2.77 13.49 12.58
CA ASN A 159 3.20 14.62 11.78
C ASN A 159 4.52 14.43 11.06
N VAL A 160 5.46 15.32 11.35
CA VAL A 160 6.71 15.34 10.61
C VAL A 160 7.48 14.07 10.91
N MET A 161 7.24 13.49 12.09
CA MET A 161 7.87 12.21 12.39
C MET A 161 7.44 11.10 11.44
N GLY A 162 6.20 11.20 10.95
CA GLY A 162 5.64 10.20 10.04
C GLY A 162 6.18 10.37 8.66
N VAL A 163 6.43 11.61 8.29
CA VAL A 163 7.01 11.86 7.01
C VAL A 163 8.44 11.31 6.99
N ALA A 164 9.19 11.52 8.08
CA ALA A 164 10.55 11.00 8.17
C ALA A 164 10.53 9.47 8.16
N LYS A 165 9.53 8.90 8.84
CA LYS A 165 9.35 7.47 8.82
C LYS A 165 9.09 6.95 7.41
N ALA A 166 8.35 7.72 6.62
CA ALA A 166 8.11 7.32 5.23
C ALA A 166 9.41 7.30 4.42
N SER A 167 10.28 8.27 4.66
CA SER A 167 11.60 8.33 4.09
C SER A 167 12.38 7.11 4.57
N LEU A 168 12.30 6.83 5.86
CA LEU A 168 12.89 5.61 6.35
C LEU A 168 12.34 4.37 5.64
N ASP A 169 11.00 4.23 5.64
CA ASP A 169 10.35 3.11 4.98
C ASP A 169 10.96 2.87 3.59
N ALA A 170 11.11 3.93 2.79
CA ALA A 170 11.68 3.82 1.44
C ALA A 170 13.15 3.40 1.40
N SER A 171 13.97 4.00 2.25
CA SER A 171 15.40 3.65 2.32
C SER A 171 15.59 2.16 2.64
N VAL A 172 14.61 1.57 3.32
CA VAL A 172 14.75 0.18 3.73
C VAL A 172 14.71 -0.58 2.47
N LYS A 173 13.78 -0.21 1.61
CA LYS A 173 13.66 -0.86 0.30
C LYS A 173 14.92 -0.71 -0.60
N TYR A 174 15.45 0.50 -0.72
CA TYR A 174 16.60 0.78 -1.61
C TYR A 174 17.93 0.12 -1.10
N LEU A 175 18.18 0.29 0.19
CA LEU A 175 19.22 -0.46 0.88
C LEU A 175 19.14 -1.98 0.65
N ALA A 176 17.94 -2.54 0.76
CA ALA A 176 17.74 -3.97 0.60
C ALA A 176 18.13 -4.34 -0.82
N ALA A 177 17.73 -3.50 -1.77
CA ALA A 177 18.04 -3.77 -3.17
C ALA A 177 19.54 -3.62 -3.44
N ASP A 178 20.21 -2.72 -2.75
CA ASP A 178 21.65 -2.59 -2.88
C ASP A 178 22.38 -3.76 -2.26
N LEU A 179 21.92 -4.22 -1.10
CA LEU A 179 22.74 -5.09 -0.25
C LEU A 179 22.44 -6.57 -0.21
N GLY A 180 21.41 -7.02 -0.93
CA GLY A 180 21.13 -8.46 -0.97
C GLY A 180 22.19 -9.25 -1.74
N LYS A 181 22.95 -8.58 -2.61
CA LYS A 181 24.02 -9.25 -3.33
C LYS A 181 25.17 -9.67 -2.41
N GLU A 182 25.39 -8.92 -1.33
CA GLU A 182 26.45 -9.24 -0.35
C GLU A 182 25.90 -10.06 0.79
N ASN A 183 24.68 -10.58 0.59
CA ASN A 183 23.90 -11.37 1.57
C ASN A 183 23.57 -10.62 2.86
N ILE A 184 23.17 -9.37 2.70
CA ILE A 184 22.75 -8.58 3.83
C ILE A 184 21.32 -8.23 3.54
N ARG A 185 20.46 -8.53 4.50
CA ARG A 185 19.05 -8.26 4.36
C ARG A 185 18.71 -7.07 5.23
N VAL A 186 17.76 -6.25 4.75
CA VAL A 186 17.33 -5.05 5.48
C VAL A 186 15.81 -5.15 5.61
N ASN A 187 15.31 -4.93 6.81
CA ASN A 187 13.88 -5.02 7.10
C ASN A 187 13.45 -4.01 8.14
N SER A 188 12.15 -3.85 8.35
CA SER A 188 11.69 -3.08 9.49
C SER A 188 10.66 -3.80 10.33
N ILE A 189 10.70 -3.47 11.61
CA ILE A 189 9.58 -3.74 12.45
C ILE A 189 8.80 -2.43 12.58
N SER A 190 7.51 -2.47 12.26
CA SER A 190 6.54 -1.41 12.58
C SER A 190 5.88 -1.76 13.93
N ALA A 191 6.30 -1.10 15.01
CA ALA A 191 5.80 -1.48 16.35
C ALA A 191 4.57 -0.73 16.73
N GLY A 192 3.61 -1.41 17.36
CA GLY A 192 2.52 -0.71 18.07
C GLY A 192 3.07 0.17 19.19
N PRO A 193 2.32 1.20 19.59
CA PRO A 193 2.83 2.08 20.68
C PRO A 193 3.13 1.33 21.98
N ILE A 194 4.29 1.65 22.54
CA ILE A 194 4.74 1.17 23.85
C ILE A 194 5.25 2.39 24.63
N ARG A 195 5.06 2.40 25.97
CA ARG A 195 5.56 3.50 26.82
C ARG A 195 7.08 3.48 26.97
N THR A 196 7.74 4.42 26.28
CA THR A 196 9.19 4.63 26.34
C THR A 196 9.48 6.12 26.62
N LEU A 197 10.77 6.45 26.81
CA LEU A 197 11.21 7.85 26.95
C LEU A 197 10.62 8.72 25.83
N SER A 198 10.86 8.30 24.58
CA SER A 198 10.41 9.06 23.42
C SER A 198 8.87 9.16 23.27
N ALA A 199 8.13 8.23 23.85
CA ALA A 199 6.67 8.29 23.85
C ALA A 199 6.15 9.62 24.44
N LYS A 200 6.72 10.01 25.57
CA LYS A 200 6.48 11.31 26.19
C LYS A 200 6.91 12.35 25.15
N GLY A 201 6.02 13.29 24.84
CA GLY A 201 6.24 14.15 23.66
C GLY A 201 5.30 13.78 22.51
N ILE A 202 4.76 12.57 22.59
CA ILE A 202 3.62 12.12 21.79
C ILE A 202 2.38 12.22 22.71
N SER A 203 1.71 13.38 22.66
CA SER A 203 0.70 13.77 23.66
C SER A 203 -0.56 12.89 23.72
N ASP A 204 -1.17 12.84 24.92
CA ASP A 204 -2.30 11.93 25.25
C ASP A 204 -2.06 10.46 24.84
N PHE A 205 -1.12 9.83 25.54
CA PHE A 205 -0.63 8.48 25.27
C PHE A 205 -1.55 7.41 25.86
N ASN A 206 -1.83 7.45 27.17
CA ASN A 206 -2.67 6.41 27.80
C ASN A 206 -4.10 6.35 27.24
N SER A 207 -4.40 7.32 26.38
CA SER A 207 -5.63 7.34 25.61
C SER A 207 -5.48 6.43 24.41
N ILE A 208 -4.34 6.55 23.74
CA ILE A 208 -4.00 5.74 22.57
C ILE A 208 -3.80 4.29 22.95
N LEU A 209 -3.09 4.04 24.05
CA LEU A 209 -2.94 2.69 24.58
C LEU A 209 -4.30 2.03 24.82
N LYS A 210 -5.10 2.62 25.71
CA LYS A 210 -6.41 2.08 26.06
C LYS A 210 -7.24 1.73 24.81
N ASP A 211 -7.20 2.61 23.81
CA ASP A 211 -7.87 2.37 22.51
C ASP A 211 -7.48 1.04 21.93
N ILE A 212 -6.18 0.78 21.89
CA ILE A 212 -5.59 -0.44 21.32
C ILE A 212 -5.90 -1.69 22.15
N GLU A 213 -6.16 -1.51 23.45
CA GLU A 213 -6.63 -2.63 24.29
C GLU A 213 -8.07 -3.05 23.99
N GLU A 214 -8.82 -2.16 23.32
CA GLU A 214 -10.22 -2.39 23.01
C GLU A 214 -10.39 -2.63 21.54
N ARG A 215 -9.79 -1.76 20.73
CA ARG A 215 -9.96 -1.84 19.27
C ARG A 215 -9.05 -2.90 18.60
N ALA A 216 -7.81 -3.03 19.05
CA ALA A 216 -6.85 -3.97 18.48
C ALA A 216 -7.35 -5.41 18.40
N PRO A 217 -7.02 -6.13 17.33
CA PRO A 217 -7.59 -7.43 17.22
C PRO A 217 -7.25 -8.28 18.42
N LEU A 218 -5.96 -8.32 18.76
CA LEU A 218 -5.44 -9.13 19.86
C LEU A 218 -5.79 -8.56 21.23
N ARG A 219 -6.55 -7.46 21.24
CA ARG A 219 -7.12 -6.85 22.45
C ARG A 219 -6.11 -6.59 23.59
N ARG A 220 -4.99 -5.96 23.24
CA ARG A 220 -3.86 -5.77 24.14
C ARG A 220 -2.78 -4.94 23.43
N THR A 221 -1.96 -4.24 24.20
CA THR A 221 -0.92 -3.39 23.62
C THR A 221 0.37 -4.18 23.34
N THR A 222 1.29 -3.58 22.58
CA THR A 222 2.59 -4.22 22.31
C THR A 222 3.55 -4.17 23.52
N THR A 223 4.45 -5.14 23.55
CA THR A 223 5.52 -5.19 24.53
C THR A 223 6.86 -5.10 23.79
N PRO A 224 7.93 -4.62 24.45
CA PRO A 224 9.24 -4.70 23.77
C PRO A 224 9.73 -6.15 23.60
N GLU A 225 9.18 -7.06 24.38
CA GLU A 225 9.46 -8.47 24.23
C GLU A 225 8.89 -8.99 22.94
N GLU A 226 7.60 -8.75 22.67
CA GLU A 226 7.01 -9.04 21.34
C GLU A 226 7.93 -8.58 20.16
N VAL A 227 8.22 -7.29 20.13
CA VAL A 227 9.11 -6.69 19.14
C VAL A 227 10.47 -7.37 19.14
N GLY A 228 11.10 -7.50 20.31
CA GLY A 228 12.42 -8.10 20.37
C GLY A 228 12.45 -9.46 19.72
N ASP A 229 11.40 -10.23 20.01
CA ASP A 229 11.31 -11.62 19.55
C ASP A 229 11.11 -11.77 18.05
N THR A 230 10.57 -10.73 17.42
CA THR A 230 10.38 -10.68 15.98
C THR A 230 11.70 -10.25 15.39
N ALA A 231 12.39 -9.34 16.07
CA ALA A 231 13.79 -9.01 15.69
C ALA A 231 14.68 -10.25 15.71
N ALA A 232 14.44 -11.13 16.69
CA ALA A 232 15.29 -12.30 16.83
C ALA A 232 15.17 -13.14 15.58
N PHE A 233 13.93 -13.44 15.23
CA PHE A 233 13.61 -14.10 13.98
C PHE A 233 14.30 -13.45 12.79
N LEU A 234 14.21 -12.14 12.73
CA LEU A 234 14.65 -11.42 11.57
C LEU A 234 16.17 -11.50 11.43
N PHE A 235 16.87 -11.43 12.56
CA PHE A 235 18.31 -11.55 12.56
C PHE A 235 18.78 -12.95 12.29
N SER A 236 17.93 -13.92 12.57
CA SER A 236 18.31 -15.30 12.38
C SER A 236 18.11 -15.72 10.92
N ASP A 237 18.66 -16.89 10.56
CA ASP A 237 18.53 -17.49 9.25
C ASP A 237 17.14 -18.05 8.95
N MET A 238 16.31 -18.17 9.99
CA MET A 238 14.94 -18.62 9.79
C MET A 238 14.26 -17.67 8.82
N SER A 239 14.73 -16.43 8.76
CA SER A 239 14.09 -15.37 8.04
C SER A 239 14.87 -15.00 6.78
N ARG A 240 15.75 -15.91 6.32
CA ARG A 240 16.73 -15.62 5.24
C ARG A 240 16.11 -15.32 3.88
N GLY A 241 14.83 -15.69 3.71
CA GLY A 241 14.07 -15.36 2.48
C GLY A 241 13.43 -13.96 2.48
N ILE A 242 13.48 -13.30 3.64
CA ILE A 242 12.84 -12.02 3.79
C ILE A 242 13.78 -10.81 3.75
N THR A 243 13.52 -9.89 2.84
CA THR A 243 14.23 -8.62 2.86
C THR A 243 13.35 -7.51 2.23
N GLY A 244 13.65 -6.26 2.59
CA GLY A 244 12.82 -5.13 2.20
C GLY A 244 11.41 -5.22 2.78
N GLU A 245 11.19 -6.03 3.81
CA GLU A 245 9.86 -6.20 4.30
C GLU A 245 9.56 -5.32 5.55
N ASN A 246 8.29 -5.22 5.92
CA ASN A 246 7.90 -4.44 7.08
C ASN A 246 6.90 -5.24 7.92
N LEU A 247 7.32 -5.63 9.11
CA LEU A 247 6.44 -6.46 9.92
C LEU A 247 5.80 -5.59 10.97
N HIS A 248 4.46 -5.61 10.99
CA HIS A 248 3.67 -4.86 11.97
C HIS A 248 3.63 -5.70 13.23
N VAL A 249 4.24 -5.24 14.29
CA VAL A 249 4.20 -5.99 15.52
C VAL A 249 3.42 -5.08 16.43
N ASP A 250 2.11 -5.27 16.44
CA ASP A 250 1.24 -4.21 16.86
C ASP A 250 -0.08 -4.76 17.25
N SER A 251 -0.13 -6.04 17.65
CA SER A 251 -1.40 -6.68 18.05
C SER A 251 -2.48 -6.66 16.94
N GLY A 252 -2.07 -6.47 15.67
CA GLY A 252 -2.96 -6.36 14.51
C GLY A 252 -3.66 -5.02 14.31
N PHE A 253 -3.20 -4.00 15.02
CA PHE A 253 -3.92 -2.71 15.00
C PHE A 253 -3.94 -2.08 13.61
N HIS A 254 -2.92 -2.39 12.82
CA HIS A 254 -2.74 -1.86 11.49
C HIS A 254 -3.93 -2.19 10.63
N ILE A 255 -4.50 -3.35 10.84
CA ILE A 255 -5.70 -3.65 10.08
C ILE A 255 -6.95 -2.92 10.60
N THR A 256 -7.06 -2.69 11.91
CA THR A 256 -8.23 -1.98 12.47
C THR A 256 -7.88 -0.52 12.57
N ALA A 257 -8.13 0.21 11.50
CA ALA A 257 -7.58 1.54 11.35
C ALA A 257 -7.76 1.95 9.93
N ARG A 258 -7.51 0.97 9.04
CA ARG A 258 -7.33 1.14 7.58
C ARG A 258 -8.46 0.47 6.78
N MET B 1 9.93 -16.20 22.90
CA MET B 1 10.98 -16.60 23.91
C MET B 1 11.58 -17.96 23.56
N ASN B 2 10.74 -18.81 22.99
CA ASN B 2 11.14 -20.09 22.41
C ASN B 2 10.62 -20.21 20.97
N PHE B 3 11.41 -20.86 20.12
CA PHE B 3 11.02 -21.20 18.76
C PHE B 3 10.40 -22.59 18.68
N SER B 4 10.36 -23.30 19.79
CA SER B 4 9.90 -24.70 19.82
C SER B 4 8.38 -24.83 19.70
N LEU B 5 7.95 -25.89 19.03
CA LEU B 5 6.53 -26.22 18.87
C LEU B 5 6.10 -27.52 19.61
N GLU B 6 6.81 -27.79 20.71
CA GLU B 6 6.53 -28.89 21.62
C GLU B 6 5.09 -28.82 22.06
N GLY B 7 4.34 -29.87 21.75
CA GLY B 7 2.97 -30.01 22.23
C GLY B 7 1.98 -29.11 21.50
N ARG B 8 2.36 -28.67 20.30
CA ARG B 8 1.43 -27.96 19.44
C ARG B 8 0.95 -28.93 18.40
N ASN B 9 -0.37 -29.01 18.25
CA ASN B 9 -0.94 -29.80 17.18
C ASN B 9 -1.29 -28.93 15.97
N ILE B 10 -0.60 -29.14 14.86
CA ILE B 10 -0.84 -28.31 13.70
C ILE B 10 -1.41 -29.08 12.51
N VAL B 11 -2.59 -28.68 12.04
CA VAL B 11 -3.13 -29.27 10.82
C VAL B 11 -2.45 -28.68 9.62
N VAL B 12 -1.88 -29.54 8.77
CA VAL B 12 -1.24 -29.13 7.51
C VAL B 12 -2.05 -29.62 6.31
N MET B 13 -2.80 -28.71 5.70
CA MET B 13 -3.64 -29.02 4.57
C MET B 13 -2.95 -28.61 3.28
N GLY B 14 -2.85 -29.56 2.35
CA GLY B 14 -2.50 -29.25 0.97
C GLY B 14 -1.17 -29.83 0.55
N VAL B 15 -0.79 -30.93 1.17
CA VAL B 15 0.40 -31.63 0.74
C VAL B 15 0.01 -32.56 -0.43
N ALA B 16 0.70 -32.39 -1.55
CA ALA B 16 0.55 -33.29 -2.70
C ALA B 16 1.80 -34.14 -2.90
N ASN B 17 2.97 -33.52 -2.80
CA ASN B 17 4.21 -34.28 -2.96
C ASN B 17 5.46 -33.64 -2.37
N LYS B 18 6.59 -34.33 -2.43
CA LYS B 18 7.85 -33.80 -1.91
C LYS B 18 8.18 -32.35 -2.36
N ARG B 19 7.54 -31.91 -3.44
CA ARG B 19 7.73 -30.56 -4.00
C ARG B 19 6.85 -29.49 -3.37
N SER B 20 5.66 -29.90 -2.88
CA SER B 20 4.75 -29.02 -2.19
C SER B 20 5.43 -28.09 -1.18
N ILE B 21 4.98 -26.85 -1.21
CA ILE B 21 5.38 -25.83 -0.25
C ILE B 21 4.88 -26.32 1.10
N ALA B 22 3.66 -26.82 1.08
CA ALA B 22 3.05 -27.43 2.24
C ALA B 22 3.98 -28.42 2.88
N TRP B 23 4.75 -29.13 2.06
CA TRP B 23 5.68 -30.12 2.58
C TRP B 23 6.87 -29.45 3.26
N GLY B 24 7.44 -28.43 2.63
CA GLY B 24 8.53 -27.66 3.24
C GLY B 24 8.10 -27.16 4.60
N ILE B 25 6.88 -26.64 4.65
CA ILE B 25 6.28 -26.19 5.88
C ILE B 25 6.19 -27.35 6.89
N ALA B 26 5.85 -28.54 6.39
CA ALA B 26 5.67 -29.72 7.24
C ALA B 26 6.99 -30.07 7.92
N ARG B 27 8.02 -30.22 7.12
CA ARG B 27 9.35 -30.51 7.61
C ARG B 27 9.77 -29.52 8.72
N SER B 28 9.69 -28.22 8.41
CA SER B 28 10.18 -27.20 9.33
C SER B 28 9.44 -27.22 10.63
N LEU B 29 8.11 -27.43 10.57
CA LEU B 29 7.29 -27.53 11.79
C LEU B 29 7.58 -28.80 12.56
N HIS B 30 7.65 -29.92 11.86
CA HIS B 30 8.02 -31.15 12.54
C HIS B 30 9.32 -30.91 13.28
N GLU B 31 10.30 -30.36 12.58
CA GLU B 31 11.62 -30.09 13.14
C GLU B 31 11.56 -29.30 14.42
N ALA B 32 10.49 -28.52 14.60
CA ALA B 32 10.40 -27.67 15.79
C ALA B 32 9.59 -28.37 16.87
N GLY B 33 9.27 -29.64 16.60
CA GLY B 33 8.61 -30.49 17.58
C GLY B 33 7.10 -30.51 17.51
N ALA B 34 6.52 -29.99 16.44
CA ALA B 34 5.06 -29.93 16.33
C ALA B 34 4.53 -31.31 15.95
N ARG B 35 3.31 -31.61 16.38
CA ARG B 35 2.69 -32.80 15.92
C ARG B 35 1.78 -32.48 14.73
N LEU B 36 2.06 -33.10 13.60
CA LEU B 36 1.38 -32.72 12.38
C LEU B 36 0.13 -33.55 12.11
N ILE B 37 -0.95 -32.89 11.71
CA ILE B 37 -2.17 -33.57 11.25
C ILE B 37 -2.37 -33.28 9.76
N PHE B 38 -2.14 -34.25 8.89
CA PHE B 38 -2.26 -33.94 7.47
C PHE B 38 -3.65 -34.25 6.97
N THR B 39 -4.15 -33.42 6.07
CA THR B 39 -5.38 -33.77 5.42
C THR B 39 -5.11 -34.01 3.96
N TYR B 40 -5.92 -34.86 3.35
CA TYR B 40 -5.81 -35.11 1.91
C TYR B 40 -7.19 -34.95 1.30
N ALA B 41 -7.19 -34.71 -0.02
CA ALA B 41 -8.40 -34.56 -0.82
C ALA B 41 -8.40 -35.63 -1.90
N GLY B 42 -9.28 -36.61 -1.77
CA GLY B 42 -9.36 -37.70 -2.73
C GLY B 42 -8.25 -38.70 -2.47
N GLU B 43 -8.61 -39.98 -2.50
CA GLU B 43 -7.72 -41.07 -2.06
C GLU B 43 -6.50 -41.44 -2.97
N ARG B 44 -6.18 -40.59 -3.93
CA ARG B 44 -4.94 -40.71 -4.69
C ARG B 44 -3.81 -40.17 -3.83
N LEU B 45 -4.09 -39.03 -3.19
CA LEU B 45 -3.18 -38.38 -2.26
C LEU B 45 -3.04 -39.13 -0.93
N GLU B 46 -4.11 -39.77 -0.46
CA GLU B 46 -4.06 -40.51 0.81
C GLU B 46 -2.74 -41.24 0.92
N LYS B 47 -2.28 -41.81 -0.19
CA LYS B 47 -1.04 -42.58 -0.18
C LYS B 47 0.23 -41.71 -0.25
N SER B 48 0.13 -40.61 -1.00
CA SER B 48 1.22 -39.66 -1.14
C SER B 48 1.65 -39.03 0.20
N VAL B 49 0.67 -38.67 1.02
CA VAL B 49 0.92 -38.04 2.30
C VAL B 49 1.40 -39.09 3.28
N HIS B 50 0.72 -40.23 3.25
CA HIS B 50 0.98 -41.33 4.16
C HIS B 50 2.43 -41.72 4.00
N GLU B 51 2.87 -41.74 2.75
CA GLU B 51 4.24 -41.94 2.41
C GLU B 51 5.10 -40.88 3.07
N LEU B 52 4.78 -39.62 2.82
CA LEU B 52 5.57 -38.49 3.31
C LEU B 52 5.63 -38.40 4.84
N ALA B 53 4.53 -38.66 5.51
CA ALA B 53 4.53 -38.68 6.98
C ALA B 53 5.64 -39.59 7.54
N GLY B 54 5.99 -40.61 6.76
CA GLY B 54 6.90 -41.64 7.21
C GLY B 54 8.32 -41.22 7.10
N THR B 55 8.58 -40.14 6.36
CA THR B 55 9.95 -39.61 6.25
C THR B 55 10.28 -38.76 7.48
N LEU B 56 9.28 -38.53 8.32
CA LEU B 56 9.43 -37.64 9.48
C LEU B 56 9.91 -38.33 10.73
N ASP B 57 11.08 -37.91 11.23
CA ASP B 57 11.59 -38.35 12.54
C ASP B 57 10.61 -39.15 13.36
N ARG B 58 9.50 -38.55 13.79
CA ARG B 58 8.54 -39.23 14.66
C ARG B 58 7.27 -39.72 13.94
N ASN B 59 6.77 -40.90 14.35
CA ASN B 59 5.49 -41.42 13.83
C ASN B 59 4.30 -40.93 14.62
N ASP B 60 4.21 -39.63 14.81
CA ASP B 60 3.09 -39.07 15.56
C ASP B 60 2.06 -38.40 14.65
N SER B 61 2.28 -38.42 13.33
CA SER B 61 1.34 -37.78 12.39
C SER B 61 -0.01 -38.49 12.25
N ILE B 62 -1.06 -37.69 12.14
CA ILE B 62 -2.38 -38.17 11.86
C ILE B 62 -2.75 -37.79 10.43
N ILE B 63 -3.41 -38.72 9.73
CA ILE B 63 -3.80 -38.52 8.34
C ILE B 63 -5.31 -38.64 8.20
N LEU B 64 -5.90 -37.60 7.63
CA LEU B 64 -7.36 -37.54 7.47
C LEU B 64 -7.78 -37.02 6.11
N PRO B 65 -8.93 -37.50 5.62
CA PRO B 65 -9.35 -36.93 4.37
C PRO B 65 -10.21 -35.71 4.65
N CYS B 66 -9.99 -34.67 3.83
CA CYS B 66 -10.75 -33.45 3.90
C CYS B 66 -10.82 -32.77 2.53
N ASP B 67 -12.04 -32.71 1.98
CA ASP B 67 -12.26 -31.95 0.77
C ASP B 67 -12.85 -30.60 1.18
N VAL B 68 -12.03 -29.55 1.06
CA VAL B 68 -12.44 -28.22 1.54
C VAL B 68 -13.67 -27.71 0.81
N THR B 69 -13.99 -28.35 -0.31
CA THR B 69 -15.15 -28.01 -1.12
C THR B 69 -16.49 -28.32 -0.46
N ASN B 70 -16.49 -29.23 0.51
CA ASN B 70 -17.71 -29.74 1.12
C ASN B 70 -17.68 -29.58 2.61
N ASP B 71 -18.62 -28.81 3.13
CA ASP B 71 -18.77 -28.54 4.58
C ASP B 71 -18.84 -29.77 5.50
N ALA B 72 -19.74 -30.68 5.17
CA ALA B 72 -19.98 -31.88 5.97
C ALA B 72 -18.69 -32.65 6.17
N GLU B 73 -17.88 -32.75 5.10
CA GLU B 73 -16.61 -33.49 5.13
C GLU B 73 -15.62 -32.80 6.05
N ILE B 74 -15.52 -31.47 5.92
CA ILE B 74 -14.78 -30.59 6.85
C ILE B 74 -15.25 -30.71 8.30
N GLU B 75 -16.56 -30.68 8.55
CA GLU B 75 -17.06 -30.91 9.91
C GLU B 75 -16.64 -32.31 10.40
N THR B 76 -16.72 -33.31 9.53
CA THR B 76 -16.23 -34.66 9.87
C THR B 76 -14.74 -34.69 10.20
N CYS B 77 -13.90 -34.14 9.31
CA CYS B 77 -12.44 -34.16 9.50
C CYS B 77 -11.97 -33.62 10.86
N PHE B 78 -12.54 -32.50 11.27
CA PHE B 78 -12.24 -31.88 12.54
C PHE B 78 -12.83 -32.58 13.76
N ALA B 79 -14.03 -33.16 13.61
CA ALA B 79 -14.63 -33.95 14.69
C ALA B 79 -13.69 -35.07 15.05
N SER B 80 -12.97 -35.55 14.05
CA SER B 80 -12.07 -36.66 14.19
C SER B 80 -10.73 -36.21 14.77
N ILE B 81 -10.33 -35.01 14.38
CA ILE B 81 -9.20 -34.36 15.00
C ILE B 81 -9.47 -34.19 16.50
N LYS B 82 -10.64 -33.65 16.86
CA LYS B 82 -11.02 -33.45 18.26
C LYS B 82 -11.05 -34.75 19.05
N GLU B 83 -11.61 -35.80 18.44
CA GLU B 83 -11.61 -37.11 19.06
C GLU B 83 -10.19 -37.56 19.46
N GLN B 84 -9.22 -37.35 18.58
CA GLN B 84 -7.86 -37.86 18.79
C GLN B 84 -6.96 -37.04 19.71
N VAL B 85 -7.07 -35.69 19.64
CA VAL B 85 -6.17 -34.77 20.36
C VAL B 85 -6.92 -33.64 21.10
N GLY B 86 -8.20 -33.48 20.81
CA GLY B 86 -9.02 -32.55 21.58
C GLY B 86 -8.85 -31.09 21.21
N VAL B 87 -7.60 -30.67 21.12
CA VAL B 87 -7.30 -29.25 20.90
C VAL B 87 -6.25 -29.09 19.82
N ILE B 88 -6.40 -28.03 19.02
CA ILE B 88 -5.47 -27.71 17.92
C ILE B 88 -4.91 -26.30 18.10
N HIS B 89 -3.66 -26.11 17.72
CA HIS B 89 -3.00 -24.84 17.94
C HIS B 89 -2.65 -24.16 16.65
N GLY B 90 -2.94 -24.78 15.53
CA GLY B 90 -2.57 -24.13 14.29
C GLY B 90 -3.02 -24.81 13.04
N ILE B 91 -3.32 -24.00 12.05
CA ILE B 91 -3.57 -24.52 10.72
C ILE B 91 -2.61 -23.90 9.72
N ALA B 92 -1.96 -24.77 8.95
CA ALA B 92 -1.29 -24.31 7.75
C ALA B 92 -2.19 -24.60 6.54
N HIS B 93 -2.71 -23.55 5.91
CA HIS B 93 -3.63 -23.65 4.77
C HIS B 93 -2.86 -23.45 3.46
N CYS B 94 -2.65 -24.55 2.72
CA CYS B 94 -1.84 -24.51 1.50
C CYS B 94 -2.63 -25.13 0.35
N ILE B 95 -3.82 -24.59 0.11
CA ILE B 95 -4.73 -25.19 -0.84
C ILE B 95 -5.15 -24.16 -1.87
N ALA B 96 -4.96 -24.46 -3.14
CA ALA B 96 -5.44 -23.56 -4.23
C ALA B 96 -5.79 -24.30 -5.54
N GLY B 105 -3.76 -17.21 -20.65
CA GLY B 105 -3.24 -16.05 -21.38
C GLY B 105 -3.75 -14.73 -20.85
N GLU B 106 -4.94 -14.34 -21.33
CA GLU B 106 -5.67 -13.19 -20.80
C GLU B 106 -6.40 -13.56 -19.51
N TYR B 107 -6.60 -12.60 -18.60
CA TYR B 107 -7.46 -12.83 -17.42
C TYR B 107 -8.91 -13.24 -17.82
N LEU B 108 -9.33 -12.77 -19.00
CA LEU B 108 -10.69 -12.94 -19.50
C LEU B 108 -11.05 -14.36 -19.94
N ASN B 109 -10.10 -15.31 -19.77
CA ASN B 109 -10.30 -16.76 -20.04
C ASN B 109 -10.97 -17.50 -18.89
N THR B 110 -11.45 -16.72 -17.92
CA THR B 110 -12.24 -17.26 -16.83
C THR B 110 -13.72 -17.06 -17.17
N ASN B 111 -14.61 -17.63 -16.34
CA ASN B 111 -16.05 -17.69 -16.59
C ASN B 111 -16.75 -17.99 -15.27
N ARG B 112 -18.02 -17.64 -15.16
CA ARG B 112 -18.73 -17.63 -13.88
C ARG B 112 -18.35 -18.75 -12.95
N ASP B 113 -18.45 -19.97 -13.43
CA ASP B 113 -18.29 -21.14 -12.57
C ASP B 113 -16.85 -21.39 -12.18
N GLY B 114 -15.93 -21.23 -13.12
CA GLY B 114 -14.52 -21.37 -12.78
C GLY B 114 -14.03 -20.25 -11.87
N PHE B 115 -14.67 -19.10 -12.02
CA PHE B 115 -14.36 -17.97 -11.21
C PHE B 115 -14.82 -18.31 -9.78
N LEU B 116 -16.02 -18.84 -9.63
CA LEU B 116 -16.50 -19.13 -8.27
C LEU B 116 -15.65 -20.22 -7.65
N LEU B 117 -15.32 -21.19 -8.50
CA LEU B 117 -14.60 -22.38 -8.08
C LEU B 117 -13.22 -22.05 -7.58
N ALA B 118 -12.55 -21.10 -8.23
CA ALA B 118 -11.28 -20.64 -7.73
C ALA B 118 -11.49 -20.02 -6.34
N HIS B 119 -12.54 -19.23 -6.21
CA HIS B 119 -12.80 -18.53 -4.96
C HIS B 119 -13.22 -19.52 -3.86
N ASN B 120 -13.98 -20.54 -4.23
CA ASN B 120 -14.36 -21.58 -3.31
C ASN B 120 -13.16 -22.37 -2.75
N ILE B 121 -12.31 -22.86 -3.63
CA ILE B 121 -11.19 -23.64 -3.18
C ILE B 121 -10.10 -22.77 -2.59
N SER B 122 -9.83 -21.65 -3.23
CA SER B 122 -8.69 -20.81 -2.89
C SER B 122 -8.97 -19.71 -1.89
N SER B 123 -10.19 -19.20 -1.85
CA SER B 123 -10.48 -18.20 -0.85
C SER B 123 -11.34 -18.76 0.29
N TYR B 124 -12.63 -18.99 0.03
CA TYR B 124 -13.59 -19.45 1.05
C TYR B 124 -13.07 -20.56 1.94
N SER B 125 -12.24 -21.43 1.39
CA SER B 125 -11.74 -22.56 2.16
C SER B 125 -10.99 -22.17 3.45
N LEU B 126 -10.30 -21.06 3.50
CA LEU B 126 -9.70 -20.70 4.78
C LEU B 126 -10.81 -20.43 5.83
N THR B 127 -11.78 -19.61 5.48
CA THR B 127 -12.92 -19.37 6.34
C THR B 127 -13.63 -20.66 6.76
N ALA B 128 -13.75 -21.64 5.85
CA ALA B 128 -14.54 -22.80 6.15
C ALA B 128 -13.86 -23.69 7.17
N VAL B 129 -12.55 -23.84 7.00
CA VAL B 129 -11.76 -24.70 7.84
C VAL B 129 -11.53 -24.03 9.21
N VAL B 130 -11.48 -22.70 9.22
CA VAL B 130 -11.32 -21.92 10.46
C VAL B 130 -12.58 -22.00 11.31
N LYS B 131 -13.76 -21.93 10.68
CA LYS B 131 -15.03 -22.08 11.39
C LYS B 131 -15.09 -23.40 12.14
N ALA B 132 -14.49 -24.43 11.54
CA ALA B 132 -14.52 -25.77 12.09
C ALA B 132 -13.48 -25.91 13.20
N ALA B 133 -12.29 -25.39 12.93
CA ALA B 133 -11.18 -25.42 13.89
C ALA B 133 -11.42 -24.50 15.08
N ARG B 134 -12.36 -23.57 14.94
CA ARG B 134 -12.56 -22.56 15.95
C ARG B 134 -12.79 -23.10 17.33
N PRO B 135 -13.81 -23.95 17.51
CA PRO B 135 -14.15 -24.29 18.91
C PRO B 135 -13.10 -25.21 19.54
N MET B 136 -12.15 -25.71 18.76
CA MET B 136 -11.08 -26.59 19.29
C MET B 136 -9.77 -25.90 19.54
N MET B 137 -9.68 -24.64 19.16
CA MET B 137 -8.46 -23.89 19.39
C MET B 137 -8.69 -23.01 20.61
N THR B 138 -8.58 -23.64 21.79
CA THR B 138 -8.91 -23.00 23.05
C THR B 138 -7.64 -22.65 23.82
N GLU B 139 -6.50 -23.09 23.30
CA GLU B 139 -5.19 -22.77 23.86
C GLU B 139 -4.49 -21.73 23.05
N GLY B 140 -5.28 -20.85 22.43
CA GLY B 140 -4.72 -19.90 21.47
C GLY B 140 -4.08 -20.62 20.27
N GLY B 141 -3.83 -19.87 19.22
CA GLY B 141 -3.35 -20.50 18.02
C GLY B 141 -2.91 -19.51 16.99
N SER B 142 -2.24 -20.05 15.97
CA SER B 142 -1.77 -19.30 14.84
C SER B 142 -2.26 -19.98 13.56
N ILE B 143 -2.77 -19.19 12.63
CA ILE B 143 -3.27 -19.70 11.33
C ILE B 143 -2.47 -19.01 10.22
N VAL B 144 -1.83 -19.79 9.37
CA VAL B 144 -1.04 -19.25 8.26
C VAL B 144 -1.52 -19.75 6.85
N THR B 145 -1.77 -18.82 5.95
CA THR B 145 -2.17 -19.23 4.62
C THR B 145 -1.12 -18.89 3.59
N LEU B 146 -1.11 -19.68 2.53
CA LEU B 146 -0.19 -19.46 1.45
C LEU B 146 -0.80 -18.73 0.30
N THR B 147 -0.13 -17.64 -0.05
CA THR B 147 -0.34 -16.90 -1.29
C THR B 147 1.02 -16.60 -1.92
N TYR B 158 -1.46 -15.98 -14.18
CA TYR B 158 -1.98 -16.09 -12.80
C TYR B 158 -3.47 -15.74 -12.71
N ASN B 159 -3.84 -14.60 -13.29
CA ASN B 159 -5.25 -14.27 -13.62
C ASN B 159 -6.36 -14.49 -12.58
N VAL B 160 -7.22 -15.48 -12.78
CA VAL B 160 -8.36 -15.70 -11.90
C VAL B 160 -7.91 -16.20 -10.52
N MET B 161 -6.68 -16.66 -10.49
CA MET B 161 -6.08 -17.11 -9.27
C MET B 161 -5.68 -15.91 -8.44
N GLY B 162 -5.07 -14.93 -9.11
CA GLY B 162 -4.70 -13.67 -8.49
C GLY B 162 -5.89 -12.94 -7.91
N VAL B 163 -7.02 -12.98 -8.61
CA VAL B 163 -8.26 -12.48 -8.06
C VAL B 163 -8.67 -13.25 -6.81
N ALA B 164 -8.65 -14.58 -6.87
CA ALA B 164 -9.02 -15.39 -5.71
C ALA B 164 -8.05 -15.16 -4.54
N LYS B 165 -6.74 -15.10 -4.85
CA LYS B 165 -5.73 -14.80 -3.82
C LYS B 165 -6.02 -13.48 -3.09
N ALA B 166 -6.50 -12.48 -3.83
CA ALA B 166 -6.81 -11.15 -3.31
C ALA B 166 -7.96 -11.19 -2.33
N SER B 167 -8.94 -12.02 -2.66
CA SER B 167 -10.07 -12.38 -1.84
C SER B 167 -9.54 -13.09 -0.59
N LEU B 168 -8.53 -13.94 -0.76
CA LEU B 168 -7.95 -14.62 0.37
C LEU B 168 -7.19 -13.66 1.31
N ASP B 169 -6.42 -12.76 0.72
CA ASP B 169 -5.72 -11.75 1.49
C ASP B 169 -6.60 -10.90 2.38
N ALA B 170 -7.70 -10.40 1.82
CA ALA B 170 -8.64 -9.58 2.55
C ALA B 170 -9.27 -10.37 3.69
N SER B 171 -9.55 -11.64 3.48
CA SER B 171 -10.20 -12.41 4.51
C SER B 171 -9.27 -12.67 5.71
N VAL B 172 -7.97 -12.86 5.44
CA VAL B 172 -6.97 -12.96 6.48
C VAL B 172 -7.15 -11.86 7.54
N LYS B 173 -7.39 -10.63 7.06
CA LYS B 173 -7.58 -9.46 7.94
C LYS B 173 -8.91 -9.50 8.73
N TYR B 174 -9.98 -9.91 8.04
CA TYR B 174 -11.30 -10.08 8.68
C TYR B 174 -11.23 -11.23 9.66
N LEU B 175 -10.43 -12.24 9.32
CA LEU B 175 -10.32 -13.41 10.16
C LEU B 175 -9.60 -12.99 11.40
N ALA B 176 -8.45 -12.35 11.21
CA ALA B 176 -7.62 -11.83 12.27
C ALA B 176 -8.40 -10.94 13.27
N ALA B 177 -9.14 -9.98 12.76
CA ALA B 177 -9.90 -9.06 13.59
C ALA B 177 -10.94 -9.74 14.48
N ASP B 178 -11.45 -10.88 14.01
CA ASP B 178 -12.49 -11.66 14.70
C ASP B 178 -11.93 -12.58 15.74
N LEU B 179 -10.78 -13.18 15.45
CA LEU B 179 -10.25 -14.24 16.27
C LEU B 179 -9.16 -13.79 17.24
N GLY B 180 -8.87 -12.50 17.26
CA GLY B 180 -7.83 -12.01 18.15
C GLY B 180 -8.32 -12.08 19.58
N LYS B 181 -9.62 -11.89 19.77
CA LYS B 181 -10.14 -11.85 21.13
C LYS B 181 -10.02 -13.22 21.75
N GLU B 182 -9.74 -14.20 20.91
CA GLU B 182 -9.58 -15.56 21.34
C GLU B 182 -8.14 -15.99 21.28
N ASN B 183 -7.26 -15.00 21.19
CA ASN B 183 -5.84 -15.25 21.23
C ASN B 183 -5.42 -16.11 20.03
N ILE B 184 -6.15 -15.95 18.91
CA ILE B 184 -5.87 -16.64 17.64
C ILE B 184 -5.33 -15.69 16.55
N ARG B 185 -4.15 -15.98 16.04
CA ARG B 185 -3.54 -15.06 15.08
C ARG B 185 -3.77 -15.61 13.71
N VAL B 186 -4.02 -14.74 12.75
CA VAL B 186 -4.15 -15.19 11.36
C VAL B 186 -3.28 -14.32 10.46
N ASN B 187 -2.43 -14.97 9.67
CA ASN B 187 -1.42 -14.28 8.82
C ASN B 187 -1.25 -15.00 7.51
N SER B 188 -0.50 -14.42 6.58
CA SER B 188 -0.22 -15.14 5.34
C SER B 188 1.23 -15.03 4.91
N ILE B 189 1.70 -16.00 4.17
CA ILE B 189 3.03 -15.94 3.58
C ILE B 189 2.88 -15.88 2.08
N SER B 190 3.58 -14.95 1.44
CA SER B 190 3.61 -14.87 -0.01
C SER B 190 4.97 -15.36 -0.44
N ALA B 191 5.00 -16.54 -1.05
CA ALA B 191 6.25 -17.16 -1.49
C ALA B 191 6.50 -16.91 -2.96
N GLY B 192 7.68 -16.44 -3.31
CA GLY B 192 8.02 -16.23 -4.72
C GLY B 192 8.10 -17.55 -5.47
N PRO B 193 8.21 -17.49 -6.82
CA PRO B 193 8.38 -18.73 -7.57
C PRO B 193 9.53 -19.58 -7.03
N ILE B 194 9.27 -20.87 -6.85
CA ILE B 194 10.27 -21.84 -6.37
C ILE B 194 10.44 -22.97 -7.37
N ARG B 195 11.67 -23.29 -7.73
CA ARG B 195 11.83 -24.52 -8.49
C ARG B 195 13.01 -25.38 -8.07
N SER B 207 11.76 -20.81 -16.25
CA SER B 207 12.42 -19.81 -17.10
C SER B 207 12.32 -18.38 -16.59
N ILE B 208 11.15 -18.01 -16.06
CA ILE B 208 10.95 -16.72 -15.40
C ILE B 208 11.91 -16.62 -14.20
N LEU B 209 12.30 -17.78 -13.68
CA LEU B 209 13.27 -17.93 -12.60
C LEU B 209 14.60 -17.18 -12.86
N LYS B 210 15.14 -17.33 -14.07
CA LYS B 210 16.45 -16.80 -14.45
C LYS B 210 16.57 -15.31 -14.13
N ASP B 211 15.62 -14.55 -14.67
CA ASP B 211 15.52 -13.10 -14.48
C ASP B 211 15.36 -12.70 -12.99
N ILE B 212 14.60 -13.47 -12.22
CA ILE B 212 14.50 -13.25 -10.76
C ILE B 212 15.84 -13.40 -10.04
N GLU B 213 16.63 -14.38 -10.45
CA GLU B 213 17.90 -14.61 -9.82
C GLU B 213 18.84 -13.49 -10.24
N GLU B 214 18.49 -12.78 -11.31
CA GLU B 214 19.23 -11.60 -11.79
C GLU B 214 18.66 -10.27 -11.21
N ARG B 215 17.35 -10.26 -10.95
CA ARG B 215 16.61 -9.05 -10.57
C ARG B 215 16.16 -9.01 -9.12
N ALA B 216 16.33 -10.14 -8.42
CA ALA B 216 15.96 -10.25 -7.00
C ALA B 216 17.02 -9.62 -6.13
N PRO B 217 16.60 -8.88 -5.11
CA PRO B 217 17.57 -8.30 -4.19
C PRO B 217 18.62 -9.33 -3.74
N LEU B 218 18.18 -10.50 -3.28
CA LEU B 218 19.08 -11.50 -2.72
C LEU B 218 19.73 -12.40 -3.77
N ARG B 219 19.35 -12.19 -5.03
CA ARG B 219 19.89 -12.93 -6.16
C ARG B 219 19.70 -14.44 -6.08
N ARG B 220 18.46 -14.89 -5.97
CA ARG B 220 18.15 -16.31 -6.03
C ARG B 220 16.63 -16.54 -5.96
N THR B 221 16.14 -17.59 -6.59
CA THR B 221 14.75 -18.00 -6.39
C THR B 221 14.56 -18.27 -4.91
N THR B 222 13.35 -18.62 -4.51
CA THR B 222 13.13 -18.96 -3.12
C THR B 222 13.03 -20.48 -2.97
N THR B 223 13.18 -21.00 -1.75
CA THR B 223 13.10 -22.43 -1.47
C THR B 223 11.95 -22.75 -0.48
N PRO B 224 11.49 -24.01 -0.41
CA PRO B 224 10.40 -24.35 0.51
C PRO B 224 10.84 -24.47 1.98
N GLU B 225 12.14 -24.66 2.21
CA GLU B 225 12.71 -24.53 3.54
C GLU B 225 12.50 -23.10 4.06
N GLU B 226 12.78 -22.11 3.21
CA GLU B 226 12.71 -20.67 3.56
C GLU B 226 11.29 -20.29 3.98
N VAL B 227 10.32 -20.75 3.20
CA VAL B 227 8.90 -20.62 3.53
C VAL B 227 8.61 -21.32 4.84
N GLY B 228 9.18 -22.49 5.03
CA GLY B 228 8.85 -23.31 6.18
C GLY B 228 9.31 -22.68 7.45
N ASP B 229 10.52 -22.15 7.39
CA ASP B 229 11.14 -21.54 8.57
C ASP B 229 10.41 -20.26 8.96
N THR B 230 9.76 -19.66 7.97
CA THR B 230 8.92 -18.50 8.18
C THR B 230 7.58 -18.95 8.76
N ALA B 231 7.03 -20.03 8.23
CA ALA B 231 5.81 -20.55 8.84
C ALA B 231 6.05 -20.97 10.30
N ALA B 232 7.25 -21.46 10.61
CA ALA B 232 7.56 -21.91 11.99
C ALA B 232 7.49 -20.72 12.97
N PHE B 233 8.11 -19.64 12.54
CA PHE B 233 8.05 -18.39 13.25
C PHE B 233 6.60 -17.98 13.45
N LEU B 234 5.81 -18.02 12.39
CA LEU B 234 4.45 -17.54 12.50
C LEU B 234 3.59 -18.46 13.38
N PHE B 235 3.96 -19.74 13.42
CA PHE B 235 3.28 -20.72 14.28
C PHE B 235 3.74 -20.70 15.75
N SER B 236 4.96 -20.21 16.02
CA SER B 236 5.43 -20.16 17.41
C SER B 236 4.97 -18.92 18.15
N ASP B 237 5.30 -18.84 19.44
CA ASP B 237 5.11 -17.60 20.24
C ASP B 237 6.05 -16.41 19.86
N MET B 238 7.17 -16.71 19.20
CA MET B 238 8.10 -15.63 18.83
C MET B 238 7.38 -14.55 18.04
N SER B 239 6.25 -14.91 17.43
CA SER B 239 5.52 -14.04 16.53
C SER B 239 4.19 -13.63 17.12
N ARG B 240 4.05 -13.74 18.43
CA ARG B 240 2.74 -13.53 19.06
C ARG B 240 2.11 -12.16 18.85
N GLY B 241 2.90 -11.16 18.54
CA GLY B 241 2.32 -9.84 18.38
C GLY B 241 1.82 -9.60 16.96
N ILE B 242 2.07 -10.56 16.06
CA ILE B 242 1.79 -10.41 14.64
C ILE B 242 0.53 -11.18 14.26
N THR B 243 -0.44 -10.47 13.70
CA THR B 243 -1.74 -11.03 13.26
C THR B 243 -2.21 -10.11 12.14
N GLY B 244 -2.79 -10.72 11.11
CA GLY B 244 -3.36 -9.99 9.99
C GLY B 244 -2.30 -9.49 9.04
N GLU B 245 -1.11 -10.09 9.07
CA GLU B 245 -0.01 -9.61 8.25
C GLU B 245 0.28 -10.50 7.05
N ASN B 246 0.97 -9.93 6.08
CA ASN B 246 1.44 -10.71 4.95
C ASN B 246 2.96 -10.68 4.85
N LEU B 247 3.59 -11.85 4.87
CA LEU B 247 5.08 -11.92 4.82
C LEU B 247 5.68 -12.40 3.48
N HIS B 248 6.46 -11.55 2.85
CA HIS B 248 6.95 -11.88 1.54
C HIS B 248 8.19 -12.69 1.73
N VAL B 249 8.11 -14.01 1.47
CA VAL B 249 9.30 -14.86 1.41
C VAL B 249 9.64 -15.08 -0.06
N ASP B 250 10.46 -14.18 -0.61
CA ASP B 250 10.65 -14.15 -2.07
C ASP B 250 11.97 -13.54 -2.50
N SER B 251 12.91 -13.51 -1.57
CA SER B 251 14.24 -13.01 -1.87
C SER B 251 14.22 -11.52 -2.20
N GLY B 252 13.11 -10.86 -1.87
CA GLY B 252 12.99 -9.39 -1.92
C GLY B 252 12.26 -8.85 -3.15
N PHE B 253 11.80 -9.74 -4.03
CA PHE B 253 11.26 -9.40 -5.33
C PHE B 253 10.05 -8.48 -5.23
N HIS B 254 9.39 -8.48 -4.07
CA HIS B 254 8.18 -7.65 -3.87
C HIS B 254 8.49 -6.19 -3.93
N ILE B 255 9.72 -5.80 -3.64
CA ILE B 255 10.08 -4.38 -3.65
C ILE B 255 10.54 -3.90 -5.03
N THR B 256 10.72 -4.80 -6.00
CA THR B 256 11.27 -4.36 -7.31
C THR B 256 10.25 -4.10 -8.41
N ALA B 257 10.64 -3.25 -9.37
CA ALA B 257 9.86 -3.01 -10.59
C ALA B 257 10.43 -3.77 -11.82
N MET C 1 -7.52 17.73 -23.56
CA MET C 1 -8.55 17.52 -24.62
C MET C 1 -9.84 18.26 -24.25
N ASN C 2 -10.91 17.51 -24.01
CA ASN C 2 -12.18 18.07 -23.51
C ASN C 2 -12.89 17.18 -22.50
N PHE C 3 -13.70 17.81 -21.66
CA PHE C 3 -14.49 17.14 -20.64
C PHE C 3 -15.82 16.62 -21.14
N SER C 4 -16.06 16.71 -22.45
CA SER C 4 -17.35 16.36 -23.03
C SER C 4 -17.52 14.85 -23.28
N LEU C 5 -18.66 14.31 -22.89
CA LEU C 5 -18.99 12.92 -23.12
C LEU C 5 -19.97 12.75 -24.28
N GLU C 6 -20.08 13.82 -25.06
CA GLU C 6 -20.97 13.92 -26.23
C GLU C 6 -20.69 12.82 -27.26
N GLY C 7 -21.74 12.10 -27.63
CA GLY C 7 -21.59 11.02 -28.59
C GLY C 7 -20.97 9.74 -28.04
N ARG C 8 -20.76 9.67 -26.72
CA ARG C 8 -20.35 8.41 -26.10
C ARG C 8 -21.59 7.73 -25.56
N ASN C 9 -21.70 6.42 -25.80
CA ASN C 9 -22.78 5.62 -25.23
C ASN C 9 -22.28 4.87 -24.02
N ILE C 10 -22.84 5.14 -22.85
CA ILE C 10 -22.33 4.53 -21.66
C ILE C 10 -23.46 3.76 -21.02
N VAL C 11 -23.17 2.50 -20.71
CA VAL C 11 -24.07 1.66 -19.94
C VAL C 11 -23.87 2.00 -18.46
N VAL C 12 -24.98 2.33 -17.81
CA VAL C 12 -25.03 2.57 -16.37
C VAL C 12 -25.88 1.47 -15.74
N MET C 13 -25.28 0.68 -14.84
CA MET C 13 -26.01 -0.44 -14.20
C MET C 13 -26.17 -0.26 -12.72
N GLY C 14 -27.31 -0.65 -12.16
CA GLY C 14 -27.52 -0.58 -10.71
C GLY C 14 -28.22 0.67 -10.19
N VAL C 15 -28.81 1.46 -11.08
CA VAL C 15 -29.77 2.48 -10.64
C VAL C 15 -31.00 1.79 -10.01
N ALA C 16 -31.43 2.28 -8.85
CA ALA C 16 -32.60 1.71 -8.20
C ALA C 16 -33.56 2.79 -7.64
N ASN C 17 -33.02 3.92 -7.18
CA ASN C 17 -33.84 5.09 -6.79
C ASN C 17 -33.03 6.37 -6.78
N LYS C 18 -33.68 7.52 -6.56
CA LYS C 18 -32.95 8.82 -6.63
C LYS C 18 -31.70 8.93 -5.73
N ARG C 19 -31.52 7.98 -4.80
CA ARG C 19 -30.37 7.99 -3.85
C ARG C 19 -29.17 7.23 -4.42
N SER C 20 -29.46 6.23 -5.25
CA SER C 20 -28.47 5.35 -5.86
C SER C 20 -27.25 6.14 -6.31
N ILE C 21 -26.07 5.68 -5.93
CA ILE C 21 -24.83 6.28 -6.41
C ILE C 21 -24.85 6.28 -7.93
N ALA C 22 -25.33 5.20 -8.54
CA ALA C 22 -25.46 5.12 -9.98
C ALA C 22 -26.34 6.23 -10.57
N TRP C 23 -27.36 6.68 -9.82
CA TRP C 23 -28.13 7.86 -10.22
C TRP C 23 -27.29 9.14 -10.15
N GLY C 24 -26.66 9.40 -9.00
CA GLY C 24 -25.67 10.49 -8.91
C GLY C 24 -24.78 10.49 -10.13
N ILE C 25 -24.30 9.31 -10.51
CA ILE C 25 -23.43 9.09 -11.67
C ILE C 25 -24.14 9.29 -12.99
N ALA C 26 -25.36 8.76 -13.09
CA ALA C 26 -26.17 8.93 -14.30
C ALA C 26 -26.23 10.42 -14.57
N ARG C 27 -26.79 11.15 -13.63
CA ARG C 27 -26.92 12.60 -13.74
C ARG C 27 -25.63 13.26 -14.21
N SER C 28 -24.47 12.91 -13.67
CA SER C 28 -23.26 13.64 -14.06
C SER C 28 -22.84 13.34 -15.50
N LEU C 29 -23.00 12.10 -15.94
CA LEU C 29 -22.62 11.73 -17.30
C LEU C 29 -23.61 12.34 -18.27
N HIS C 30 -24.86 12.42 -17.83
CA HIS C 30 -25.89 13.04 -18.62
C HIS C 30 -25.62 14.53 -18.90
N GLU C 31 -25.26 15.25 -17.84
CA GLU C 31 -24.89 16.65 -17.90
C GLU C 31 -23.73 16.89 -18.88
N ALA C 32 -22.85 15.90 -19.02
CA ALA C 32 -21.67 16.09 -19.84
C ALA C 32 -21.90 15.62 -21.28
N GLY C 33 -23.17 15.25 -21.55
CA GLY C 33 -23.62 14.96 -22.89
C GLY C 33 -23.54 13.52 -23.35
N ALA C 34 -23.53 12.61 -22.39
CA ALA C 34 -23.46 11.19 -22.69
C ALA C 34 -24.86 10.69 -22.96
N ARG C 35 -24.93 9.64 -23.75
CA ARG C 35 -26.15 8.95 -23.97
C ARG C 35 -26.14 7.71 -23.09
N LEU C 36 -27.14 7.62 -22.22
CA LEU C 36 -27.12 6.62 -21.16
C LEU C 36 -27.95 5.38 -21.47
N ILE C 37 -27.37 4.19 -21.27
CA ILE C 37 -28.13 2.98 -21.41
C ILE C 37 -28.31 2.36 -20.04
N PHE C 38 -29.53 2.41 -19.52
CA PHE C 38 -29.72 1.99 -18.16
C PHE C 38 -30.11 0.54 -18.12
N THR C 39 -29.65 -0.20 -17.11
CA THR C 39 -30.09 -1.60 -16.87
C THR C 39 -30.68 -1.83 -15.46
N TYR C 40 -31.61 -2.78 -15.34
CA TYR C 40 -32.38 -3.00 -14.13
C TYR C 40 -32.66 -4.49 -13.97
N ALA C 41 -32.77 -4.94 -12.72
CA ALA C 41 -33.10 -6.36 -12.42
C ALA C 41 -34.57 -6.60 -11.95
N GLY C 42 -35.39 -7.11 -12.85
CA GLY C 42 -36.77 -7.49 -12.53
C GLY C 42 -37.71 -6.32 -12.35
N GLU C 43 -39.00 -6.62 -12.19
CA GLU C 43 -40.06 -5.60 -12.27
C GLU C 43 -40.03 -4.48 -11.21
N ARG C 44 -39.60 -4.78 -9.99
CA ARG C 44 -39.61 -3.74 -8.96
C ARG C 44 -38.91 -2.51 -9.51
N LEU C 45 -37.69 -2.70 -9.99
CA LEU C 45 -36.84 -1.62 -10.51
C LEU C 45 -37.24 -1.12 -11.90
N GLU C 46 -37.82 -2.01 -12.71
CA GLU C 46 -38.34 -1.64 -14.03
C GLU C 46 -39.07 -0.30 -13.96
N LYS C 47 -40.08 -0.22 -13.09
CA LYS C 47 -40.79 1.02 -12.80
C LYS C 47 -39.83 2.19 -12.45
N SER C 48 -39.04 2.04 -11.39
CA SER C 48 -38.16 3.11 -10.88
C SER C 48 -37.20 3.64 -11.93
N VAL C 49 -36.56 2.73 -12.66
CA VAL C 49 -35.61 3.10 -13.71
C VAL C 49 -36.29 3.94 -14.81
N HIS C 50 -37.44 3.47 -15.27
CA HIS C 50 -38.26 4.22 -16.22
C HIS C 50 -38.68 5.56 -15.65
N GLU C 51 -39.29 5.53 -14.47
CA GLU C 51 -39.74 6.76 -13.84
C GLU C 51 -38.53 7.71 -13.75
N LEU C 52 -37.44 7.27 -13.14
CA LEU C 52 -36.23 8.13 -13.04
C LEU C 52 -35.64 8.57 -14.37
N ALA C 53 -35.38 7.62 -15.25
CA ALA C 53 -34.87 7.90 -16.60
C ALA C 53 -35.62 9.07 -17.28
N GLY C 54 -36.93 9.12 -17.08
CA GLY C 54 -37.75 10.27 -17.47
C GLY C 54 -37.21 11.61 -17.01
N THR C 55 -36.93 11.77 -15.71
CA THR C 55 -36.37 13.03 -15.15
C THR C 55 -35.50 13.84 -16.14
N LEU C 56 -34.64 13.17 -16.88
CA LEU C 56 -33.65 13.86 -17.68
C LEU C 56 -34.22 14.42 -18.97
N ASP C 57 -33.65 15.54 -19.38
CA ASP C 57 -33.85 16.16 -20.68
C ASP C 57 -33.06 15.36 -21.68
N ARG C 58 -32.65 15.98 -22.80
CA ARG C 58 -32.01 15.27 -23.93
C ARG C 58 -32.28 13.75 -23.94
N ASN C 59 -33.54 13.36 -23.76
CA ASN C 59 -33.83 11.97 -23.41
C ASN C 59 -33.77 10.98 -24.56
N ASP C 60 -32.54 10.59 -24.84
CA ASP C 60 -32.20 9.62 -25.84
C ASP C 60 -31.86 8.28 -25.19
N SER C 61 -32.19 8.16 -23.91
CA SER C 61 -31.71 7.04 -23.08
C SER C 61 -32.32 5.70 -23.50
N ILE C 62 -31.75 4.60 -23.00
CA ILE C 62 -32.23 3.25 -23.32
C ILE C 62 -32.49 2.48 -22.03
N ILE C 63 -33.55 1.67 -22.00
CA ILE C 63 -33.91 0.86 -20.82
C ILE C 63 -34.16 -0.60 -21.17
N LEU C 64 -33.45 -1.49 -20.48
CA LEU C 64 -33.48 -2.93 -20.76
C LEU C 64 -33.21 -3.71 -19.48
N PRO C 65 -33.74 -4.94 -19.36
CA PRO C 65 -33.45 -5.80 -18.21
C PRO C 65 -32.09 -6.57 -18.31
N CYS C 66 -31.46 -6.79 -17.16
CA CYS C 66 -30.18 -7.48 -17.06
C CYS C 66 -29.94 -7.95 -15.61
N ASP C 67 -30.23 -9.21 -15.34
CA ASP C 67 -29.78 -9.86 -14.11
C ASP C 67 -28.35 -10.29 -14.35
N VAL C 68 -27.46 -9.83 -13.48
CA VAL C 68 -26.03 -10.08 -13.60
C VAL C 68 -25.60 -11.51 -13.23
N THR C 69 -26.41 -12.22 -12.45
CA THR C 69 -26.37 -13.69 -12.51
C THR C 69 -27.04 -14.03 -13.84
N ASN C 70 -26.88 -15.25 -14.35
CA ASN C 70 -27.59 -15.61 -15.60
C ASN C 70 -26.89 -15.07 -16.85
N ASP C 71 -25.80 -15.75 -17.24
CA ASP C 71 -25.02 -15.36 -18.41
C ASP C 71 -25.87 -15.04 -19.65
N ALA C 72 -27.00 -15.73 -19.81
CA ALA C 72 -27.81 -15.65 -21.04
C ALA C 72 -28.39 -14.27 -21.22
N GLU C 73 -29.01 -13.75 -20.17
CA GLU C 73 -29.68 -12.47 -20.31
C GLU C 73 -28.74 -11.28 -20.24
N ILE C 74 -27.52 -11.50 -19.77
CA ILE C 74 -26.45 -10.57 -20.01
C ILE C 74 -26.19 -10.56 -21.51
N GLU C 75 -26.15 -11.74 -22.11
CA GLU C 75 -25.93 -11.85 -23.56
C GLU C 75 -27.10 -11.21 -24.30
N THR C 76 -28.33 -11.61 -23.93
CA THR C 76 -29.57 -11.02 -24.44
C THR C 76 -29.50 -9.50 -24.44
N CYS C 77 -29.10 -8.95 -23.29
CA CYS C 77 -29.01 -7.51 -23.06
C CYS C 77 -28.09 -6.78 -24.03
N PHE C 78 -26.82 -7.19 -24.08
CA PHE C 78 -25.83 -6.48 -24.86
C PHE C 78 -25.99 -6.75 -26.36
N ALA C 79 -26.54 -7.91 -26.72
CA ALA C 79 -26.91 -8.18 -28.11
C ALA C 79 -27.79 -7.04 -28.57
N SER C 80 -28.74 -6.69 -27.70
CA SER C 80 -29.71 -5.67 -27.99
C SER C 80 -29.10 -4.27 -27.95
N ILE C 81 -28.19 -4.02 -27.01
CA ILE C 81 -27.54 -2.73 -26.95
C ILE C 81 -26.84 -2.52 -28.27
N LYS C 82 -26.17 -3.55 -28.75
CA LYS C 82 -25.50 -3.50 -30.05
C LYS C 82 -26.46 -3.12 -31.17
N GLU C 83 -27.64 -3.74 -31.23
CA GLU C 83 -28.56 -3.42 -32.30
C GLU C 83 -28.87 -1.92 -32.27
N GLN C 84 -29.29 -1.46 -31.09
CA GLN C 84 -29.86 -0.12 -30.90
C GLN C 84 -28.87 1.03 -30.96
N VAL C 85 -27.59 0.78 -30.72
CA VAL C 85 -26.60 1.87 -30.66
C VAL C 85 -25.26 1.57 -31.33
N GLY C 86 -25.06 0.33 -31.76
CA GLY C 86 -23.84 -0.03 -32.47
C GLY C 86 -22.60 -0.17 -31.60
N VAL C 87 -22.12 0.93 -31.05
CA VAL C 87 -20.86 0.93 -30.31
C VAL C 87 -20.94 1.51 -28.90
N ILE C 88 -20.38 0.77 -27.93
CA ILE C 88 -20.32 1.17 -26.49
C ILE C 88 -18.99 1.80 -26.14
N HIS C 89 -19.05 2.86 -25.34
CA HIS C 89 -17.85 3.61 -24.97
C HIS C 89 -17.52 3.51 -23.48
N GLY C 90 -18.43 2.92 -22.70
CA GLY C 90 -18.23 2.80 -21.26
C GLY C 90 -19.28 2.00 -20.52
N ILE C 91 -18.87 1.42 -19.39
CA ILE C 91 -19.82 0.85 -18.46
C ILE C 91 -19.60 1.52 -17.11
N ALA C 92 -20.70 1.80 -16.41
CA ALA C 92 -20.66 2.20 -15.02
C ALA C 92 -21.25 1.06 -14.23
N HIS C 93 -20.38 0.27 -13.63
CA HIS C 93 -20.77 -0.91 -12.89
C HIS C 93 -20.98 -0.52 -11.42
N CYS C 94 -22.25 -0.54 -10.98
CA CYS C 94 -22.58 -0.15 -9.60
C CYS C 94 -23.45 -1.18 -8.94
N ILE C 95 -22.99 -2.41 -8.94
CA ILE C 95 -23.75 -3.51 -8.40
C ILE C 95 -22.93 -4.15 -7.29
N ALA C 96 -23.61 -4.39 -6.17
CA ALA C 96 -23.02 -5.06 -5.01
C ALA C 96 -24.12 -5.81 -4.25
N PHE C 97 -23.78 -6.95 -3.63
CA PHE C 97 -24.73 -7.66 -2.77
C PHE C 97 -24.14 -8.79 -1.89
N ALA C 98 -24.68 -8.89 -0.68
CA ALA C 98 -24.33 -9.90 0.33
C ALA C 98 -25.48 -9.89 1.35
N ASN C 99 -25.74 -11.03 1.97
CA ASN C 99 -26.83 -11.13 2.96
C ASN C 99 -26.55 -10.26 4.19
N LYS C 100 -27.54 -9.49 4.61
CA LYS C 100 -27.38 -8.43 5.62
C LYS C 100 -27.05 -8.93 7.03
N GLU C 101 -27.52 -10.15 7.36
CA GLU C 101 -27.24 -10.77 8.65
C GLU C 101 -25.74 -11.07 8.76
N GLU C 102 -25.06 -11.09 7.60
CA GLU C 102 -23.61 -11.36 7.50
C GLU C 102 -22.75 -10.10 7.62
N LEU C 103 -23.36 -8.93 7.43
CA LEU C 103 -22.65 -7.65 7.54
C LEU C 103 -22.90 -7.00 8.90
N VAL C 104 -22.91 -7.84 9.92
CA VAL C 104 -23.29 -7.49 11.29
C VAL C 104 -22.50 -8.47 12.15
N GLY C 105 -21.90 -7.99 13.22
CA GLY C 105 -21.15 -8.89 14.11
C GLY C 105 -19.85 -9.33 13.48
N GLU C 106 -19.42 -10.57 13.68
CA GLU C 106 -18.11 -10.99 13.15
C GLU C 106 -18.17 -11.26 11.67
N TYR C 107 -17.01 -11.26 11.02
CA TYR C 107 -16.93 -11.73 9.65
C TYR C 107 -17.34 -13.21 9.57
N LEU C 108 -16.90 -14.02 10.52
CA LEU C 108 -17.28 -15.44 10.56
C LEU C 108 -18.80 -15.75 10.60
N ASN C 109 -19.61 -14.70 10.62
CA ASN C 109 -21.04 -14.80 10.49
C ASN C 109 -21.45 -15.23 9.07
N THR C 110 -20.53 -15.06 8.13
CA THR C 110 -20.78 -15.47 6.75
C THR C 110 -20.77 -17.00 6.63
N ASN C 111 -21.39 -17.52 5.57
CA ASN C 111 -21.33 -18.94 5.18
C ASN C 111 -20.93 -19.08 3.71
N ARG C 112 -20.56 -20.28 3.31
CA ARG C 112 -20.24 -20.60 1.90
C ARG C 112 -21.13 -19.89 0.86
N ASP C 113 -22.44 -19.97 1.04
CA ASP C 113 -23.39 -19.36 0.10
C ASP C 113 -23.21 -17.88 -0.02
N GLY C 114 -23.42 -17.16 1.08
CA GLY C 114 -23.34 -15.68 1.13
C GLY C 114 -22.00 -15.15 0.62
N PHE C 115 -20.94 -15.90 0.94
CA PHE C 115 -19.61 -15.61 0.46
C PHE C 115 -19.58 -15.66 -1.07
N LEU C 116 -19.87 -16.82 -1.61
CA LEU C 116 -19.88 -17.00 -3.05
C LEU C 116 -20.86 -16.08 -3.76
N LEU C 117 -22.02 -15.92 -3.13
CA LEU C 117 -23.08 -15.04 -3.62
C LEU C 117 -22.61 -13.61 -3.72
N ALA C 118 -21.98 -13.13 -2.65
CA ALA C 118 -21.38 -11.80 -2.61
C ALA C 118 -20.31 -11.57 -3.67
N HIS C 119 -19.51 -12.59 -3.95
CA HIS C 119 -18.45 -12.54 -4.96
C HIS C 119 -19.02 -12.54 -6.36
N ASN C 120 -20.13 -13.28 -6.52
CA ASN C 120 -20.78 -13.41 -7.79
C ASN C 120 -21.31 -12.07 -8.20
N ILE C 121 -22.10 -11.50 -7.31
CA ILE C 121 -22.80 -10.26 -7.62
C ILE C 121 -21.83 -9.09 -7.63
N SER C 122 -20.90 -9.12 -6.69
CA SER C 122 -20.11 -7.96 -6.38
C SER C 122 -18.84 -7.93 -7.17
N SER C 123 -18.31 -9.11 -7.53
CA SER C 123 -17.06 -9.15 -8.26
C SER C 123 -17.12 -9.74 -9.67
N TYR C 124 -17.74 -10.90 -9.82
CA TYR C 124 -17.72 -11.54 -11.09
C TYR C 124 -18.49 -10.74 -12.12
N SER C 125 -19.63 -10.18 -11.69
CA SER C 125 -20.52 -9.45 -12.59
C SER C 125 -19.79 -8.40 -13.41
N LEU C 126 -18.70 -7.85 -12.90
CA LEU C 126 -17.94 -6.90 -13.70
C LEU C 126 -17.32 -7.62 -14.89
N THR C 127 -16.85 -8.84 -14.67
CA THR C 127 -16.19 -9.62 -15.70
C THR C 127 -17.22 -10.10 -16.72
N ALA C 128 -18.41 -10.40 -16.22
CA ALA C 128 -19.47 -10.95 -17.01
C ALA C 128 -19.79 -9.86 -18.04
N VAL C 129 -20.03 -8.66 -17.53
CA VAL C 129 -20.48 -7.55 -18.29
C VAL C 129 -19.38 -7.01 -19.21
N VAL C 130 -18.14 -6.90 -18.75
CA VAL C 130 -17.05 -6.54 -19.66
C VAL C 130 -16.91 -7.55 -20.82
N LYS C 131 -17.05 -8.84 -20.52
CA LYS C 131 -16.98 -9.89 -21.54
C LYS C 131 -18.06 -9.72 -22.62
N ALA C 132 -19.31 -9.50 -22.18
CA ALA C 132 -20.43 -9.28 -23.09
C ALA C 132 -20.33 -7.94 -23.82
N ALA C 133 -19.82 -6.92 -23.15
CA ALA C 133 -19.71 -5.60 -23.76
C ALA C 133 -18.50 -5.46 -24.64
N ARG C 134 -17.50 -6.32 -24.46
CA ARG C 134 -16.20 -6.08 -25.12
C ARG C 134 -16.33 -5.93 -26.62
N PRO C 135 -17.01 -6.88 -27.31
CA PRO C 135 -17.01 -6.92 -28.78
C PRO C 135 -17.46 -5.62 -29.42
N MET C 136 -18.47 -4.99 -28.80
CA MET C 136 -19.04 -3.71 -29.20
C MET C 136 -18.28 -2.51 -28.70
N MET C 137 -17.11 -2.72 -28.12
CA MET C 137 -16.34 -1.60 -27.56
C MET C 137 -15.17 -1.28 -28.47
N THR C 138 -15.50 -0.77 -29.65
CA THR C 138 -14.54 -0.71 -30.77
C THR C 138 -13.97 0.68 -31.06
N GLU C 139 -14.17 1.62 -30.15
CA GLU C 139 -13.66 2.99 -30.30
C GLU C 139 -12.93 3.44 -29.02
N GLY C 140 -12.07 2.59 -28.45
CA GLY C 140 -11.54 2.84 -27.10
C GLY C 140 -12.68 2.80 -26.10
N GLY C 141 -12.41 3.00 -24.82
CA GLY C 141 -13.49 2.98 -23.85
C GLY C 141 -13.07 3.24 -22.42
N SER C 142 -14.06 3.21 -21.53
CA SER C 142 -13.83 3.42 -20.11
C SER C 142 -14.82 2.68 -19.25
N ILE C 143 -14.28 1.81 -18.40
CA ILE C 143 -15.06 1.01 -17.48
C ILE C 143 -14.71 1.47 -16.07
N VAL C 144 -15.76 1.71 -15.27
CA VAL C 144 -15.65 2.33 -13.96
C VAL C 144 -16.58 1.58 -13.01
N THR C 145 -16.02 1.10 -11.90
CA THR C 145 -16.74 0.29 -10.94
C THR C 145 -16.71 0.90 -9.56
N LEU C 146 -17.56 0.40 -8.68
CA LEU C 146 -17.72 1.05 -7.40
C LEU C 146 -17.33 0.18 -6.25
N THR C 147 -16.28 0.61 -5.56
CA THR C 147 -15.76 -0.09 -4.39
C THR C 147 -15.95 0.72 -3.09
N TYR C 148 -15.10 0.46 -2.08
CA TYR C 148 -15.15 1.06 -0.74
C TYR C 148 -13.91 0.61 0.08
N LEU C 149 -13.60 1.35 1.16
CA LEU C 149 -12.39 1.15 2.01
C LEU C 149 -12.24 -0.22 2.70
N GLY C 150 -13.36 -0.94 2.84
CA GLY C 150 -13.40 -2.27 3.46
C GLY C 150 -12.66 -3.39 2.75
N GLY C 151 -12.44 -3.24 1.45
CA GLY C 151 -11.54 -4.11 0.68
C GLY C 151 -10.06 -3.90 0.95
N GLU C 152 -9.71 -2.69 1.44
CA GLU C 152 -8.30 -2.30 1.74
C GLU C 152 -7.81 -2.75 3.11
N LEU C 153 -8.70 -2.72 4.10
CA LEU C 153 -8.54 -3.36 5.43
C LEU C 153 -9.86 -3.17 6.22
N VAL C 154 -9.89 -3.57 7.50
CA VAL C 154 -11.14 -3.82 8.25
C VAL C 154 -11.97 -2.57 8.63
N MET C 155 -13.29 -2.65 8.38
CA MET C 155 -14.21 -1.52 8.61
C MET C 155 -15.49 -1.84 9.40
N TYR C 158 -18.55 -4.75 7.99
CA TYR C 158 -18.48 -4.68 6.51
C TYR C 158 -18.09 -6.03 5.91
N ASN C 159 -17.23 -6.74 6.63
CA ASN C 159 -17.13 -8.18 6.54
C ASN C 159 -17.07 -8.74 5.12
N VAL C 160 -17.86 -9.76 4.83
CA VAL C 160 -17.69 -10.57 3.62
C VAL C 160 -17.78 -9.68 2.39
N MET C 161 -18.32 -8.48 2.56
CA MET C 161 -18.46 -7.57 1.43
C MET C 161 -17.13 -6.92 1.14
N GLY C 162 -16.30 -6.81 2.18
CA GLY C 162 -14.94 -6.30 2.05
C GLY C 162 -14.08 -7.28 1.28
N VAL C 163 -14.21 -8.56 1.62
CA VAL C 163 -13.57 -9.64 0.87
C VAL C 163 -14.01 -9.57 -0.62
N ALA C 164 -15.31 -9.40 -0.85
CA ALA C 164 -15.82 -9.38 -2.22
C ALA C 164 -15.23 -8.22 -2.98
N LYS C 165 -15.26 -7.04 -2.36
CA LYS C 165 -14.61 -5.85 -2.92
C LYS C 165 -13.13 -6.00 -3.19
N ALA C 166 -12.43 -6.78 -2.39
CA ALA C 166 -11.01 -7.07 -2.70
C ALA C 166 -10.89 -7.85 -4.00
N SER C 167 -11.80 -8.81 -4.17
CA SER C 167 -11.89 -9.58 -5.39
C SER C 167 -12.15 -8.61 -6.50
N LEU C 168 -13.11 -7.71 -6.27
CA LEU C 168 -13.44 -6.72 -7.25
C LEU C 168 -12.25 -5.89 -7.65
N ASP C 169 -11.51 -5.41 -6.65
CA ASP C 169 -10.35 -4.56 -6.87
C ASP C 169 -9.25 -5.22 -7.69
N ALA C 170 -9.05 -6.51 -7.44
CA ALA C 170 -8.06 -7.26 -8.16
C ALA C 170 -8.52 -7.58 -9.57
N SER C 171 -9.85 -7.62 -9.79
CA SER C 171 -10.34 -7.97 -11.11
C SER C 171 -10.15 -6.75 -11.97
N VAL C 172 -10.27 -5.56 -11.39
CA VAL C 172 -9.96 -4.29 -12.07
C VAL C 172 -8.53 -4.22 -12.66
N LYS C 173 -7.51 -4.39 -11.82
CA LYS C 173 -6.12 -4.33 -12.30
C LYS C 173 -5.94 -5.29 -13.46
N TYR C 174 -6.46 -6.51 -13.31
CA TYR C 174 -6.41 -7.53 -14.34
C TYR C 174 -7.19 -7.14 -15.59
N LEU C 175 -8.40 -6.62 -15.45
CA LEU C 175 -9.14 -6.24 -16.63
C LEU C 175 -8.39 -5.13 -17.37
N ALA C 176 -7.76 -4.26 -16.60
CA ALA C 176 -7.01 -3.15 -17.18
C ALA C 176 -5.85 -3.61 -18.04
N ALA C 177 -5.20 -4.70 -17.64
CA ALA C 177 -3.95 -5.17 -18.27
C ALA C 177 -4.28 -5.87 -19.55
N ASP C 178 -5.44 -6.53 -19.56
CA ASP C 178 -5.94 -7.24 -20.69
C ASP C 178 -6.37 -6.27 -21.78
N LEU C 179 -6.87 -5.10 -21.36
CA LEU C 179 -7.71 -4.30 -22.25
C LEU C 179 -7.09 -3.01 -22.72
N GLY C 180 -6.09 -2.51 -22.02
CA GLY C 180 -5.31 -1.39 -22.52
C GLY C 180 -5.00 -1.53 -24.02
N LYS C 181 -4.68 -2.74 -24.47
CA LYS C 181 -4.28 -2.97 -25.86
C LYS C 181 -5.34 -2.55 -26.85
N GLU C 182 -6.59 -2.87 -26.54
CA GLU C 182 -7.78 -2.39 -27.27
C GLU C 182 -8.17 -0.94 -26.94
N ASN C 183 -7.30 -0.24 -26.22
CA ASN C 183 -7.49 1.14 -25.78
C ASN C 183 -8.68 1.38 -24.81
N ILE C 184 -9.06 0.33 -24.07
CA ILE C 184 -10.13 0.37 -23.04
C ILE C 184 -9.56 0.55 -21.62
N ARG C 185 -10.02 1.55 -20.90
CA ARG C 185 -9.55 1.73 -19.53
C ARG C 185 -10.52 1.17 -18.47
N VAL C 186 -9.95 0.62 -17.39
CA VAL C 186 -10.72 0.10 -16.27
C VAL C 186 -10.21 0.71 -14.98
N ASN C 187 -11.09 1.40 -14.26
CA ASN C 187 -10.76 2.07 -13.00
C ASN C 187 -11.86 1.92 -11.95
N SER C 188 -11.52 2.14 -10.67
CA SER C 188 -12.54 2.05 -9.63
C SER C 188 -12.66 3.33 -8.89
N ILE C 189 -13.87 3.65 -8.46
CA ILE C 189 -14.12 4.68 -7.47
C ILE C 189 -14.46 3.99 -6.15
N SER C 190 -13.81 4.44 -5.11
CA SER C 190 -14.04 3.97 -3.77
C SER C 190 -14.74 5.14 -3.08
N ALA C 191 -16.04 5.01 -2.83
CA ALA C 191 -16.82 6.10 -2.24
C ALA C 191 -16.76 6.14 -0.72
N GLY C 192 -16.73 7.33 -0.16
CA GLY C 192 -17.00 7.48 1.27
C GLY C 192 -18.45 7.13 1.61
N PRO C 193 -18.77 7.01 2.91
CA PRO C 193 -20.20 6.86 3.23
C PRO C 193 -21.03 8.12 2.96
N ILE C 194 -22.27 7.88 2.56
CA ILE C 194 -23.03 8.82 1.77
C ILE C 194 -24.12 9.51 2.58
N LEU C 209 -21.30 8.14 9.90
CA LEU C 209 -21.38 9.51 9.36
C LEU C 209 -20.76 10.53 10.31
N LYS C 210 -21.45 10.78 11.44
CA LYS C 210 -20.98 11.66 12.51
C LYS C 210 -19.47 11.52 12.72
N ASP C 211 -18.98 10.31 12.46
CA ASP C 211 -17.55 10.01 12.53
C ASP C 211 -16.75 10.73 11.43
N ILE C 212 -17.14 10.48 10.17
CA ILE C 212 -16.52 11.09 9.00
C ILE C 212 -16.60 12.61 9.10
N GLU C 213 -17.76 13.14 9.47
CA GLU C 213 -17.99 14.57 9.56
C GLU C 213 -16.98 15.35 10.42
N GLU C 214 -16.42 14.70 11.44
CA GLU C 214 -15.48 15.39 12.34
C GLU C 214 -14.06 14.83 12.32
N ARG C 215 -13.85 13.71 11.64
CA ARG C 215 -12.51 13.13 11.55
C ARG C 215 -11.95 13.00 10.11
N ALA C 216 -12.80 13.22 9.10
CA ALA C 216 -12.32 13.22 7.70
C ALA C 216 -11.69 14.57 7.38
N PRO C 217 -10.59 14.56 6.59
CA PRO C 217 -9.95 15.81 6.29
C PRO C 217 -10.94 16.90 5.90
N LEU C 218 -11.79 16.66 4.91
CA LEU C 218 -12.70 17.70 4.44
C LEU C 218 -13.96 17.91 5.30
N ARG C 219 -13.95 17.34 6.51
CA ARG C 219 -14.99 17.58 7.51
C ARG C 219 -16.40 17.53 6.92
N ARG C 220 -16.70 16.47 6.18
CA ARG C 220 -18.01 16.34 5.56
C ARG C 220 -18.13 14.95 4.99
N THR C 221 -19.33 14.57 4.61
CA THR C 221 -19.53 13.28 4.00
C THR C 221 -19.59 13.41 2.48
N THR C 222 -19.69 12.27 1.83
CA THR C 222 -19.60 12.13 0.43
C THR C 222 -21.00 12.34 -0.10
N THR C 223 -21.10 12.99 -1.25
CA THR C 223 -22.36 13.12 -1.96
C THR C 223 -22.29 12.30 -3.24
N PRO C 224 -23.44 11.80 -3.72
CA PRO C 224 -23.47 11.10 -5.01
C PRO C 224 -23.03 11.99 -6.20
N GLU C 225 -23.01 13.30 -6.05
CA GLU C 225 -22.64 14.18 -7.12
C GLU C 225 -21.12 14.17 -7.25
N GLU C 226 -20.45 14.08 -6.09
CA GLU C 226 -18.99 14.03 -6.02
C GLU C 226 -18.53 12.79 -6.70
N VAL C 227 -19.28 11.70 -6.50
CA VAL C 227 -18.95 10.42 -7.07
C VAL C 227 -19.19 10.43 -8.59
N GLY C 228 -20.25 11.12 -9.02
CA GLY C 228 -20.61 11.17 -10.42
C GLY C 228 -19.64 12.02 -11.21
N ASP C 229 -19.21 13.11 -10.58
CA ASP C 229 -18.24 14.02 -11.16
C ASP C 229 -16.92 13.32 -11.36
N THR C 230 -16.49 12.54 -10.39
CA THR C 230 -15.27 11.76 -10.58
C THR C 230 -15.47 10.76 -11.71
N ALA C 231 -16.67 10.18 -11.78
CA ALA C 231 -16.93 9.23 -12.86
C ALA C 231 -16.80 9.90 -14.22
N ALA C 232 -17.29 11.13 -14.32
CA ALA C 232 -17.40 11.78 -15.61
C ALA C 232 -15.99 11.94 -16.15
N PHE C 233 -15.09 12.20 -15.20
CA PHE C 233 -13.69 12.37 -15.46
C PHE C 233 -13.12 11.09 -16.04
N LEU C 234 -13.41 9.96 -15.40
CA LEU C 234 -12.77 8.69 -15.79
C LEU C 234 -13.35 8.14 -17.07
N PHE C 235 -14.61 8.49 -17.34
CA PHE C 235 -15.29 8.16 -18.59
C PHE C 235 -14.82 9.09 -19.70
N SER C 236 -14.36 10.29 -19.34
CA SER C 236 -13.93 11.24 -20.35
C SER C 236 -12.52 11.06 -20.80
N ASP C 237 -12.11 11.86 -21.78
CA ASP C 237 -10.80 11.76 -22.38
C ASP C 237 -9.76 12.53 -21.57
N MET C 238 -10.24 13.25 -20.56
CA MET C 238 -9.34 13.99 -19.68
C MET C 238 -8.45 13.04 -18.90
N SER C 239 -8.98 11.86 -18.63
CA SER C 239 -8.31 10.86 -17.78
C SER C 239 -7.64 9.75 -18.58
N ARG C 240 -7.39 10.01 -19.86
CA ARG C 240 -6.92 8.99 -20.78
C ARG C 240 -5.60 8.30 -20.38
N GLY C 241 -4.76 8.95 -19.55
CA GLY C 241 -3.53 8.30 -19.05
C GLY C 241 -3.68 7.35 -17.85
N ILE C 242 -4.92 7.12 -17.41
CA ILE C 242 -5.18 6.44 -16.17
C ILE C 242 -5.89 5.15 -16.41
N THR C 243 -5.30 4.09 -15.90
CA THR C 243 -5.92 2.79 -15.99
C THR C 243 -5.52 1.98 -14.77
N GLY C 244 -6.41 1.09 -14.37
CA GLY C 244 -6.16 0.25 -13.21
C GLY C 244 -5.99 1.00 -11.91
N GLU C 245 -6.63 2.18 -11.85
CA GLU C 245 -6.54 3.09 -10.71
C GLU C 245 -7.76 2.96 -9.83
N ASN C 246 -7.59 3.38 -8.59
CA ASN C 246 -8.66 3.39 -7.60
C ASN C 246 -8.65 4.70 -6.88
N LEU C 247 -9.59 5.55 -7.29
CA LEU C 247 -9.75 6.90 -6.78
C LEU C 247 -10.70 6.84 -5.58
N HIS C 248 -10.29 7.45 -4.48
CA HIS C 248 -11.13 7.56 -3.26
C HIS C 248 -11.92 8.82 -3.25
N VAL C 249 -13.24 8.70 -3.35
CA VAL C 249 -14.09 9.89 -3.28
C VAL C 249 -14.75 9.88 -1.93
N ASP C 250 -14.11 10.53 -0.98
CA ASP C 250 -14.36 10.23 0.42
C ASP C 250 -13.91 11.32 1.38
N SER C 251 -13.86 12.56 0.90
CA SER C 251 -13.35 13.63 1.74
C SER C 251 -12.04 13.22 2.46
N GLY C 252 -11.15 12.50 1.78
CA GLY C 252 -9.89 12.06 2.35
C GLY C 252 -10.01 11.13 3.55
N PHE C 253 -11.15 10.45 3.71
CA PHE C 253 -11.25 9.50 4.82
C PHE C 253 -10.21 8.40 4.81
N HIS C 254 -9.85 7.90 3.62
CA HIS C 254 -8.81 6.85 3.46
C HIS C 254 -7.44 7.13 4.10
N ILE C 255 -7.10 8.40 4.32
CA ILE C 255 -5.77 8.66 4.86
C ILE C 255 -5.74 8.60 6.39
N THR C 256 -6.90 8.44 7.02
CA THR C 256 -7.02 8.52 8.49
C THR C 256 -6.97 7.17 9.21
N ALA C 257 -7.03 7.21 10.55
CA ALA C 257 -6.82 6.02 11.40
C ALA C 257 -8.11 5.57 12.13
N MET D 1 -21.99 20.86 -10.74
CA MET D 1 -20.60 21.35 -11.00
C MET D 1 -20.11 21.13 -12.44
N ASN D 2 -19.16 21.97 -12.85
CA ASN D 2 -18.49 21.88 -14.15
C ASN D 2 -16.98 21.93 -13.97
N PHE D 3 -16.27 21.86 -15.09
CA PHE D 3 -14.83 21.66 -15.08
C PHE D 3 -13.97 22.93 -15.13
N SER D 4 -14.57 24.06 -15.51
CA SER D 4 -13.78 25.24 -15.83
C SER D 4 -13.12 25.86 -14.62
N LEU D 5 -12.07 26.62 -14.88
CA LEU D 5 -11.23 27.20 -13.84
C LEU D 5 -11.21 28.73 -13.91
N GLU D 6 -12.16 29.27 -14.67
CA GLU D 6 -12.26 30.71 -14.83
C GLU D 6 -12.54 31.36 -13.51
N GLY D 7 -11.75 32.38 -13.20
CA GLY D 7 -11.84 33.02 -11.91
C GLY D 7 -11.03 32.26 -10.89
N ARG D 8 -10.29 31.26 -11.34
CA ARG D 8 -9.38 30.57 -10.47
C ARG D 8 -7.94 30.93 -10.78
N ASN D 9 -7.25 31.40 -9.73
CA ASN D 9 -5.85 31.75 -9.80
C ASN D 9 -4.93 30.66 -9.24
N ILE D 10 -4.13 30.11 -10.13
CA ILE D 10 -3.28 28.96 -9.82
C ILE D 10 -1.83 29.30 -10.11
N VAL D 11 -0.96 29.08 -9.13
CA VAL D 11 0.44 29.24 -9.38
C VAL D 11 0.99 27.90 -9.87
N VAL D 12 1.70 27.91 -11.01
CA VAL D 12 2.40 26.73 -11.55
C VAL D 12 3.92 26.86 -11.39
N MET D 13 4.44 26.37 -10.27
CA MET D 13 5.87 26.47 -9.97
C MET D 13 6.61 25.37 -10.68
N GLY D 14 7.77 25.70 -11.24
CA GLY D 14 8.62 24.67 -11.86
C GLY D 14 8.62 24.45 -13.37
N VAL D 15 8.28 25.46 -14.17
CA VAL D 15 8.54 25.37 -15.62
C VAL D 15 10.00 25.66 -15.92
N ALA D 16 10.61 24.88 -16.80
CA ALA D 16 11.95 25.18 -17.29
C ALA D 16 11.91 25.44 -18.80
N ASN D 17 11.20 24.58 -19.52
CA ASN D 17 11.13 24.63 -20.96
C ASN D 17 9.90 23.90 -21.51
N LYS D 18 9.73 23.88 -22.82
CA LYS D 18 8.55 23.33 -23.46
C LYS D 18 8.31 21.85 -23.13
N ARG D 19 9.28 21.25 -22.45
CA ARG D 19 9.23 19.86 -22.13
C ARG D 19 8.82 19.63 -20.67
N SER D 20 8.92 20.67 -19.84
CA SER D 20 8.54 20.61 -18.42
C SER D 20 7.12 20.07 -18.28
N ILE D 21 6.91 19.18 -17.31
CA ILE D 21 5.59 18.63 -17.10
C ILE D 21 4.75 19.76 -16.56
N ALA D 22 5.40 20.66 -15.81
CA ALA D 22 4.76 21.85 -15.31
C ALA D 22 4.18 22.59 -16.50
N TRP D 23 4.93 22.62 -17.60
CA TRP D 23 4.47 23.34 -18.76
C TRP D 23 3.21 22.71 -19.36
N GLY D 24 3.17 21.38 -19.43
CA GLY D 24 1.98 20.66 -19.97
C GLY D 24 0.74 20.92 -19.14
N ILE D 25 0.96 21.06 -17.83
CA ILE D 25 -0.10 21.36 -16.88
C ILE D 25 -0.53 22.82 -17.07
N ALA D 26 0.46 23.70 -17.24
CA ALA D 26 0.20 25.10 -17.47
C ALA D 26 -0.80 25.18 -18.62
N ARG D 27 -0.49 24.50 -19.72
CA ARG D 27 -1.36 24.54 -20.89
C ARG D 27 -2.79 24.09 -20.62
N SER D 28 -2.97 23.00 -19.87
CA SER D 28 -4.29 22.43 -19.62
C SER D 28 -5.12 23.29 -18.68
N LEU D 29 -4.46 23.86 -17.68
CA LEU D 29 -5.11 24.78 -16.77
C LEU D 29 -5.53 26.04 -17.50
N HIS D 30 -4.72 26.48 -18.45
CA HIS D 30 -5.09 27.67 -19.18
C HIS D 30 -6.30 27.42 -20.08
N GLU D 31 -6.32 26.27 -20.75
CA GLU D 31 -7.44 25.91 -21.58
C GLU D 31 -8.75 25.86 -20.79
N ALA D 32 -8.67 25.44 -19.52
CA ALA D 32 -9.87 25.37 -18.65
C ALA D 32 -10.30 26.77 -18.21
N GLY D 33 -9.45 27.74 -18.49
CA GLY D 33 -9.75 29.13 -18.26
C GLY D 33 -9.22 29.67 -16.97
N ALA D 34 -8.13 29.08 -16.46
CA ALA D 34 -7.54 29.57 -15.22
C ALA D 34 -6.59 30.70 -15.55
N ARG D 35 -6.21 31.46 -14.53
CA ARG D 35 -5.21 32.51 -14.67
C ARG D 35 -3.94 32.03 -14.02
N LEU D 36 -2.94 31.77 -14.85
CA LEU D 36 -1.76 31.15 -14.33
C LEU D 36 -0.78 32.12 -13.74
N ILE D 37 -0.04 31.66 -12.76
CA ILE D 37 1.03 32.43 -12.16
C ILE D 37 2.27 31.54 -12.11
N PHE D 38 3.22 31.76 -13.01
CA PHE D 38 4.45 31.00 -13.04
C PHE D 38 5.47 31.54 -12.07
N THR D 39 6.27 30.64 -11.51
CA THR D 39 7.40 30.99 -10.66
C THR D 39 8.56 30.14 -11.09
N TYR D 40 9.77 30.69 -11.01
CA TYR D 40 10.95 30.05 -11.56
C TYR D 40 12.11 30.21 -10.59
N ALA D 41 13.15 29.41 -10.78
CA ALA D 41 14.32 29.46 -9.91
C ALA D 41 15.48 30.18 -10.61
N GLY D 42 16.06 31.18 -9.94
CA GLY D 42 17.29 31.85 -10.42
C GLY D 42 17.13 33.17 -11.18
N GLU D 43 17.68 33.21 -12.40
CA GLU D 43 17.39 34.28 -13.38
C GLU D 43 17.74 33.84 -14.79
N ARG D 44 18.42 32.69 -14.92
CA ARG D 44 18.71 32.11 -16.24
C ARG D 44 17.42 31.63 -16.92
N LEU D 45 16.43 31.32 -16.08
CA LEU D 45 15.13 30.82 -16.54
C LEU D 45 14.13 31.94 -16.78
N GLU D 46 14.55 33.17 -16.48
CA GLU D 46 13.67 34.34 -16.59
C GLU D 46 13.12 34.48 -18.02
N LYS D 47 13.98 34.51 -19.03
CA LYS D 47 13.51 34.74 -20.41
C LYS D 47 12.65 33.59 -20.96
N SER D 48 13.08 32.36 -20.70
CA SER D 48 12.42 31.16 -21.21
C SER D 48 10.95 31.02 -20.78
N VAL D 49 10.64 31.49 -19.58
CA VAL D 49 9.32 31.35 -18.99
C VAL D 49 8.39 32.46 -19.47
N HIS D 50 8.87 33.71 -19.42
CA HIS D 50 8.20 34.86 -20.07
C HIS D 50 7.88 34.53 -21.53
N GLU D 51 8.86 33.91 -22.20
CA GLU D 51 8.73 33.46 -23.57
C GLU D 51 7.67 32.38 -23.74
N LEU D 52 7.24 31.80 -22.64
CA LEU D 52 6.25 30.74 -22.69
C LEU D 52 4.89 31.27 -22.34
N ALA D 53 4.82 32.13 -21.32
CA ALA D 53 3.56 32.82 -21.04
C ALA D 53 3.09 33.52 -22.31
N GLY D 54 3.91 34.41 -22.83
CA GLY D 54 3.66 35.08 -24.11
C GLY D 54 2.93 34.20 -25.11
N THR D 55 3.44 33.00 -25.35
CA THR D 55 2.80 32.08 -26.31
C THR D 55 1.43 31.51 -25.86
N LEU D 56 1.07 31.75 -24.61
CA LEU D 56 -0.26 31.37 -24.14
C LEU D 56 -1.30 32.39 -24.56
N ASP D 57 -2.44 31.87 -25.03
CA ASP D 57 -3.53 32.68 -25.61
C ASP D 57 -3.85 33.96 -24.81
N ARG D 58 -4.80 33.94 -23.90
CA ARG D 58 -5.07 35.16 -23.12
C ARG D 58 -3.80 35.75 -22.44
N ASN D 59 -3.91 36.94 -21.86
CA ASN D 59 -2.77 37.55 -21.13
C ASN D 59 -2.51 36.99 -19.72
N ASP D 60 -3.25 37.50 -18.72
CA ASP D 60 -3.31 36.89 -17.38
C ASP D 60 -1.98 36.83 -16.65
N SER D 61 -1.05 36.11 -17.27
CA SER D 61 0.09 35.49 -16.64
C SER D 61 1.01 36.44 -15.92
N ILE D 62 1.36 36.05 -14.72
CA ILE D 62 2.34 36.73 -13.93
C ILE D 62 3.55 35.82 -13.92
N ILE D 63 4.73 36.35 -13.58
CA ILE D 63 5.96 35.57 -13.66
C ILE D 63 6.90 36.07 -12.59
N LEU D 64 7.01 35.32 -11.52
CA LEU D 64 7.84 35.70 -10.39
C LEU D 64 8.98 34.71 -10.22
N PRO D 65 10.13 35.18 -9.72
CA PRO D 65 11.15 34.22 -9.33
C PRO D 65 10.84 33.60 -7.96
N CYS D 66 11.24 32.35 -7.77
CA CYS D 66 11.15 31.72 -6.46
C CYS D 66 12.10 30.53 -6.33
N ASP D 67 13.17 30.69 -5.55
CA ASP D 67 14.01 29.54 -5.22
C ASP D 67 13.40 28.89 -4.00
N VAL D 68 13.08 27.61 -4.08
CA VAL D 68 12.29 26.96 -3.03
C VAL D 68 13.08 26.67 -1.76
N THR D 69 14.37 26.39 -1.92
CA THR D 69 15.32 26.56 -0.82
C THR D 69 15.21 28.05 -0.50
N ASN D 70 15.25 28.42 0.77
CA ASN D 70 15.22 29.85 1.14
C ASN D 70 13.82 30.36 1.38
N ASP D 71 13.47 30.47 2.66
CA ASP D 71 12.17 30.97 3.09
C ASP D 71 12.03 32.43 2.75
N ALA D 72 13.16 33.14 2.79
CA ALA D 72 13.18 34.59 2.63
C ALA D 72 12.54 34.98 1.31
N GLU D 73 13.10 34.45 0.23
CA GLU D 73 12.60 34.79 -1.09
C GLU D 73 11.44 33.94 -1.54
N ILE D 74 10.90 33.14 -0.62
CA ILE D 74 9.61 32.48 -0.81
C ILE D 74 8.52 33.47 -0.42
N GLU D 75 8.67 34.11 0.73
CA GLU D 75 7.67 35.08 1.18
C GLU D 75 7.52 36.24 0.18
N THR D 76 8.63 36.89 -0.14
CA THR D 76 8.74 37.80 -1.28
C THR D 76 7.82 37.32 -2.42
N CYS D 77 7.98 36.08 -2.87
CA CYS D 77 7.25 35.58 -4.03
C CYS D 77 5.75 35.55 -3.85
N PHE D 78 5.29 35.30 -2.64
CA PHE D 78 3.86 35.18 -2.40
C PHE D 78 3.22 36.49 -1.90
N ALA D 79 4.04 37.36 -1.30
CA ALA D 79 3.62 38.73 -1.00
C ALA D 79 3.32 39.43 -2.30
N SER D 80 4.11 39.09 -3.31
CA SER D 80 3.97 39.66 -4.61
C SER D 80 2.75 39.10 -5.34
N ILE D 81 2.53 37.78 -5.24
CA ILE D 81 1.38 37.16 -5.88
C ILE D 81 0.07 37.72 -5.30
N LYS D 82 0.05 37.94 -4.00
CA LYS D 82 -1.08 38.58 -3.34
C LYS D 82 -1.28 40.04 -3.80
N GLU D 83 -0.19 40.77 -4.03
CA GLU D 83 -0.28 42.14 -4.49
C GLU D 83 -0.98 42.13 -5.85
N GLN D 84 -0.60 41.18 -6.70
CA GLN D 84 -1.06 41.15 -8.09
C GLN D 84 -2.36 40.41 -8.41
N VAL D 85 -2.76 39.47 -7.55
CA VAL D 85 -4.03 38.72 -7.74
C VAL D 85 -4.89 38.57 -6.50
N GLY D 86 -4.29 38.53 -5.33
CA GLY D 86 -5.06 38.46 -4.09
C GLY D 86 -5.38 37.07 -3.57
N VAL D 87 -6.46 36.48 -4.06
CA VAL D 87 -6.84 35.16 -3.61
C VAL D 87 -6.21 34.17 -4.57
N ILE D 88 -5.52 33.18 -4.02
CA ILE D 88 -4.97 32.08 -4.82
C ILE D 88 -5.84 30.87 -4.65
N HIS D 89 -6.13 30.20 -5.76
CA HIS D 89 -7.00 29.04 -5.75
C HIS D 89 -6.27 27.71 -5.92
N GLY D 90 -4.94 27.75 -6.05
CA GLY D 90 -4.22 26.55 -6.39
C GLY D 90 -2.75 26.69 -6.68
N ILE D 91 -2.02 25.60 -6.45
CA ILE D 91 -0.59 25.51 -6.67
C ILE D 91 -0.32 24.17 -7.29
N ALA D 92 0.32 24.21 -8.45
CA ALA D 92 0.95 23.02 -9.01
C ALA D 92 2.44 23.11 -8.65
N HIS D 93 2.84 22.25 -7.73
CA HIS D 93 4.23 22.12 -7.29
C HIS D 93 4.88 21.00 -8.10
N CYS D 94 5.79 21.36 -9.01
CA CYS D 94 6.46 20.39 -9.87
C CYS D 94 7.93 20.70 -9.82
N ILE D 95 8.51 20.46 -8.66
CA ILE D 95 9.90 20.81 -8.41
C ILE D 95 10.56 19.68 -7.62
N ALA D 96 11.60 19.09 -8.20
CA ALA D 96 12.43 18.14 -7.47
C ALA D 96 13.93 18.30 -7.82
N PHE D 97 14.80 18.04 -6.87
CA PHE D 97 16.23 17.97 -7.18
C PHE D 97 16.97 16.86 -6.44
N ALA D 98 17.99 16.34 -7.08
CA ALA D 98 18.89 15.38 -6.49
C ALA D 98 20.27 15.57 -7.14
N ASN D 99 21.36 15.19 -6.47
CA ASN D 99 22.67 15.16 -7.15
C ASN D 99 22.67 13.98 -8.09
N LYS D 100 23.03 14.21 -9.36
CA LYS D 100 22.90 13.17 -10.39
C LYS D 100 23.92 12.02 -10.27
N GLU D 101 25.05 12.27 -9.60
CA GLU D 101 26.00 11.19 -9.31
C GLU D 101 25.53 10.27 -8.18
N GLU D 102 24.47 10.67 -7.49
CA GLU D 102 23.86 9.84 -6.46
C GLU D 102 22.74 8.97 -7.06
N LEU D 103 22.41 9.25 -8.32
CA LEU D 103 21.35 8.55 -9.03
C LEU D 103 21.95 7.54 -10.01
N VAL D 104 23.12 7.01 -9.64
CA VAL D 104 23.77 6.00 -10.48
C VAL D 104 24.06 4.71 -9.68
N GLY D 105 23.57 3.58 -10.22
CA GLY D 105 23.77 2.28 -9.59
C GLY D 105 23.18 2.26 -8.19
N GLU D 106 24.05 2.14 -7.20
CA GLU D 106 23.64 2.04 -5.80
C GLU D 106 23.00 3.29 -5.22
N TYR D 107 21.89 3.05 -4.51
CA TYR D 107 21.26 4.05 -3.70
C TYR D 107 22.30 4.62 -2.75
N LEU D 108 23.11 3.69 -2.21
CA LEU D 108 24.18 3.96 -1.25
C LEU D 108 25.26 4.98 -1.67
N ASN D 109 25.37 5.31 -2.96
CA ASN D 109 26.29 6.38 -3.36
C ASN D 109 25.89 7.75 -2.80
N THR D 110 24.70 7.85 -2.24
CA THR D 110 24.24 9.09 -1.63
C THR D 110 25.04 9.43 -0.34
N ASN D 111 24.68 10.50 0.37
CA ASN D 111 25.43 10.95 1.55
C ASN D 111 24.66 12.05 2.25
N ARG D 112 25.05 12.32 3.50
CA ARG D 112 24.29 13.21 4.36
C ARG D 112 23.79 14.47 3.64
N ASP D 113 24.67 15.15 2.91
CA ASP D 113 24.32 16.39 2.25
C ASP D 113 23.41 16.18 1.11
N GLY D 114 23.67 15.10 0.37
CA GLY D 114 22.92 14.83 -0.85
C GLY D 114 21.52 14.41 -0.48
N PHE D 115 21.44 13.69 0.63
CA PHE D 115 20.22 13.12 1.09
C PHE D 115 19.39 14.30 1.58
N LEU D 116 19.93 15.06 2.52
CA LEU D 116 19.20 16.18 3.07
C LEU D 116 18.80 17.11 1.95
N LEU D 117 19.68 17.22 0.96
CA LEU D 117 19.46 18.09 -0.19
C LEU D 117 18.24 17.69 -1.00
N ALA D 118 18.19 16.42 -1.41
CA ALA D 118 17.04 15.88 -2.15
C ALA D 118 15.74 16.14 -1.42
N HIS D 119 15.74 15.90 -0.12
CA HIS D 119 14.58 16.09 0.75
C HIS D 119 14.14 17.55 0.90
N ASN D 120 15.12 18.44 0.91
CA ASN D 120 14.87 19.85 1.05
C ASN D 120 14.15 20.32 -0.18
N ILE D 121 14.72 20.06 -1.36
CA ILE D 121 14.11 20.59 -2.58
C ILE D 121 12.90 19.80 -3.01
N SER D 122 13.01 18.47 -3.01
CA SER D 122 11.96 17.60 -3.58
C SER D 122 10.79 17.36 -2.66
N SER D 123 11.03 17.43 -1.36
CA SER D 123 10.00 17.12 -0.41
C SER D 123 9.59 18.31 0.44
N TYR D 124 10.55 18.95 1.09
CA TYR D 124 10.22 20.05 1.97
C TYR D 124 9.57 21.25 1.25
N SER D 125 10.04 21.52 0.04
CA SER D 125 9.58 22.69 -0.67
C SER D 125 8.05 22.73 -0.67
N LEU D 126 7.39 21.60 -0.88
CA LEU D 126 5.92 21.60 -0.87
C LEU D 126 5.40 22.22 0.42
N THR D 127 5.77 21.66 1.57
CA THR D 127 5.35 22.26 2.82
C THR D 127 5.65 23.76 2.86
N ALA D 128 6.85 24.13 2.43
CA ALA D 128 7.26 25.54 2.51
C ALA D 128 6.29 26.41 1.72
N VAL D 129 6.00 25.98 0.50
CA VAL D 129 5.13 26.74 -0.39
C VAL D 129 3.73 26.84 0.20
N VAL D 130 3.25 25.73 0.73
CA VAL D 130 1.94 25.71 1.33
C VAL D 130 1.85 26.68 2.51
N LYS D 131 2.89 26.75 3.35
CA LYS D 131 2.91 27.68 4.51
C LYS D 131 2.78 29.14 4.06
N ALA D 132 3.39 29.45 2.92
CA ALA D 132 3.39 30.77 2.34
C ALA D 132 2.02 31.06 1.78
N ALA D 133 1.57 30.20 0.87
CA ALA D 133 0.34 30.43 0.15
C ALA D 133 -0.90 30.39 1.05
N ARG D 134 -0.81 29.70 2.19
CA ARG D 134 -1.98 29.43 3.00
C ARG D 134 -2.86 30.65 3.33
N PRO D 135 -2.30 31.72 3.92
CA PRO D 135 -3.14 32.88 4.23
C PRO D 135 -3.99 33.40 3.04
N MET D 136 -3.56 33.14 1.81
CA MET D 136 -4.23 33.64 0.60
C MET D 136 -5.22 32.66 -0.04
N MET D 137 -5.35 31.50 0.54
CA MET D 137 -6.29 30.53 0.03
C MET D 137 -7.50 30.61 0.94
N THR D 138 -8.28 31.66 0.73
CA THR D 138 -9.39 32.04 1.59
C THR D 138 -10.75 31.65 1.01
N GLU D 139 -10.74 31.07 -0.20
CA GLU D 139 -11.93 30.58 -0.87
C GLU D 139 -11.79 29.08 -1.09
N GLY D 140 -10.94 28.46 -0.27
CA GLY D 140 -10.51 27.08 -0.53
C GLY D 140 -9.78 26.91 -1.86
N GLY D 141 -9.21 25.74 -2.07
CA GLY D 141 -8.48 25.48 -3.28
C GLY D 141 -7.92 24.06 -3.31
N SER D 142 -6.98 23.85 -4.21
CA SER D 142 -6.49 22.55 -4.58
C SER D 142 -4.96 22.64 -4.79
N ILE D 143 -4.23 21.68 -4.25
CA ILE D 143 -2.77 21.63 -4.35
C ILE D 143 -2.38 20.27 -4.90
N VAL D 144 -1.54 20.32 -5.93
CA VAL D 144 -1.07 19.13 -6.64
C VAL D 144 0.45 19.12 -6.69
N THR D 145 1.02 17.96 -6.46
CA THR D 145 2.46 17.76 -6.59
C THR D 145 2.75 16.61 -7.55
N LEU D 146 3.98 16.45 -7.99
CA LEU D 146 4.28 15.32 -8.85
C LEU D 146 5.17 14.33 -8.15
N THR D 147 4.79 13.07 -8.27
CA THR D 147 5.56 12.02 -7.67
C THR D 147 5.89 10.95 -8.73
N TYR D 148 6.76 10.00 -8.38
CA TYR D 148 7.08 8.92 -9.31
C TYR D 148 6.92 7.54 -8.66
N LEU D 149 6.69 6.50 -9.45
CA LEU D 149 6.50 5.12 -8.94
C LEU D 149 7.59 4.68 -7.97
N GLY D 150 8.82 5.16 -8.23
CA GLY D 150 9.99 4.98 -7.37
C GLY D 150 9.91 5.38 -5.91
N GLY D 151 8.96 6.28 -5.57
CA GLY D 151 8.55 6.52 -4.17
C GLY D 151 7.96 5.26 -3.53
N GLU D 152 7.27 4.44 -4.34
CA GLU D 152 6.57 3.23 -3.90
C GLU D 152 7.46 1.99 -4.05
N LEU D 153 7.92 1.77 -5.26
CA LEU D 153 8.78 0.65 -5.59
C LEU D 153 10.21 1.11 -5.84
N VAL D 154 11.09 0.16 -6.14
CA VAL D 154 12.49 0.43 -6.36
C VAL D 154 12.71 0.49 -7.85
N MET D 155 12.97 1.69 -8.34
CA MET D 155 13.22 1.88 -9.77
C MET D 155 14.72 2.06 -10.03
N PRO D 156 15.34 1.15 -10.83
CA PRO D 156 16.79 1.22 -11.06
C PRO D 156 17.30 2.65 -11.26
N ASN D 157 18.21 3.05 -10.39
CA ASN D 157 18.83 4.38 -10.44
C ASN D 157 18.09 5.56 -9.79
N TYR D 158 16.80 5.41 -9.41
CA TYR D 158 16.04 6.51 -8.77
C TYR D 158 16.56 6.79 -7.35
N ASN D 159 17.00 5.73 -6.70
CA ASN D 159 17.78 5.82 -5.49
C ASN D 159 17.26 6.88 -4.55
N VAL D 160 18.10 7.86 -4.22
CA VAL D 160 17.77 8.83 -3.17
C VAL D 160 16.53 9.64 -3.52
N MET D 161 16.30 9.82 -4.82
CA MET D 161 15.12 10.55 -5.24
C MET D 161 13.87 9.82 -4.77
N GLY D 162 13.91 8.51 -4.89
CA GLY D 162 12.80 7.66 -4.50
C GLY D 162 12.46 7.81 -3.04
N VAL D 163 13.48 7.92 -2.21
CA VAL D 163 13.30 8.12 -0.81
C VAL D 163 12.63 9.45 -0.49
N ALA D 164 13.11 10.53 -1.14
CA ALA D 164 12.55 11.88 -0.97
C ALA D 164 11.12 11.94 -1.47
N LYS D 165 10.86 11.31 -2.62
CA LYS D 165 9.50 11.21 -3.12
C LYS D 165 8.57 10.51 -2.11
N ALA D 166 9.06 9.44 -1.48
CA ALA D 166 8.32 8.77 -0.42
C ALA D 166 8.02 9.76 0.69
N SER D 167 8.98 10.62 0.98
CA SER D 167 8.81 11.62 2.00
C SER D 167 7.73 12.62 1.55
N LEU D 168 7.76 12.99 0.27
CA LEU D 168 6.76 13.91 -0.29
C LEU D 168 5.40 13.23 -0.29
N ASP D 169 5.38 12.01 -0.81
CA ASP D 169 4.16 11.23 -0.81
C ASP D 169 3.38 11.32 0.50
N ALA D 170 4.13 11.35 1.61
CA ALA D 170 3.59 11.20 2.93
C ALA D 170 3.14 12.57 3.44
N SER D 171 4.00 13.56 3.21
CA SER D 171 3.68 14.95 3.52
C SER D 171 2.34 15.41 2.86
N VAL D 172 2.11 14.96 1.62
CA VAL D 172 0.82 15.14 0.94
C VAL D 172 -0.36 14.72 1.84
N LYS D 173 -0.27 13.54 2.43
CA LYS D 173 -1.28 13.01 3.37
C LYS D 173 -1.46 13.93 4.57
N TYR D 174 -0.34 14.37 5.14
CA TYR D 174 -0.44 15.23 6.32
C TYR D 174 -0.95 16.61 5.97
N LEU D 175 -0.39 17.22 4.94
CA LEU D 175 -0.88 18.49 4.50
C LEU D 175 -2.40 18.40 4.32
N ALA D 176 -2.88 17.42 3.56
CA ALA D 176 -4.31 17.17 3.45
C ALA D 176 -5.09 17.06 4.78
N ALA D 177 -4.49 16.48 5.83
CA ALA D 177 -5.22 16.41 7.12
C ALA D 177 -5.36 17.81 7.70
N ASP D 178 -4.29 18.58 7.65
CA ASP D 178 -4.32 19.93 8.17
C ASP D 178 -5.30 20.85 7.46
N LEU D 179 -5.38 20.76 6.13
CA LEU D 179 -6.04 21.81 5.31
C LEU D 179 -7.44 21.53 4.77
N GLY D 180 -7.90 20.30 4.86
CA GLY D 180 -9.27 19.98 4.49
C GLY D 180 -10.30 20.88 5.16
N LYS D 181 -10.06 21.24 6.42
CA LYS D 181 -11.02 22.08 7.19
C LYS D 181 -11.08 23.55 6.72
N GLU D 182 -10.19 23.92 5.81
CA GLU D 182 -10.17 25.24 5.22
C GLU D 182 -10.47 24.97 3.76
N ASN D 183 -11.06 23.81 3.55
CA ASN D 183 -11.49 23.43 2.23
C ASN D 183 -10.38 23.58 1.17
N ILE D 184 -9.15 23.21 1.55
CA ILE D 184 -8.00 23.09 0.63
C ILE D 184 -7.70 21.60 0.49
N ARG D 185 -7.58 21.13 -0.74
CA ARG D 185 -7.31 19.72 -1.01
C ARG D 185 -5.86 19.55 -1.42
N VAL D 186 -5.22 18.42 -1.07
CA VAL D 186 -3.84 18.15 -1.47
C VAL D 186 -3.73 16.76 -2.08
N ASN D 187 -3.35 16.69 -3.35
CA ASN D 187 -3.14 15.40 -3.98
C ASN D 187 -1.85 15.40 -4.76
N SER D 188 -1.46 14.21 -5.19
CA SER D 188 -0.33 14.02 -6.07
C SER D 188 -0.75 13.33 -7.35
N ILE D 189 0.00 13.60 -8.40
CA ILE D 189 -0.05 12.80 -9.62
C ILE D 189 1.27 12.11 -9.70
N SER D 190 1.20 10.86 -10.11
CA SER D 190 2.35 10.01 -10.23
C SER D 190 2.50 9.75 -11.71
N ALA D 191 3.36 10.53 -12.35
CA ALA D 191 3.42 10.51 -13.82
C ALA D 191 4.28 9.38 -14.21
N GLY D 192 4.02 8.81 -15.38
CA GLY D 192 4.96 7.89 -16.03
C GLY D 192 6.13 8.66 -16.59
N PRO D 193 7.21 7.95 -16.98
CA PRO D 193 8.40 8.58 -17.58
C PRO D 193 8.03 9.40 -18.82
N ILE D 194 8.51 10.66 -18.82
CA ILE D 194 8.40 11.59 -19.95
C ILE D 194 9.70 12.38 -20.04
N ARG D 195 10.21 12.60 -21.26
CA ARG D 195 11.49 13.33 -21.50
C ARG D 195 11.48 14.81 -21.13
N THR D 196 12.26 15.15 -20.09
CA THR D 196 12.39 16.52 -19.61
C THR D 196 13.87 16.87 -19.38
N LEU D 197 14.12 18.14 -19.01
CA LEU D 197 15.43 18.62 -18.55
C LEU D 197 15.99 17.73 -17.44
N SER D 198 15.18 17.55 -16.39
CA SER D 198 15.56 16.77 -15.22
C SER D 198 15.60 15.27 -15.51
N ALA D 199 15.01 14.84 -16.64
CA ALA D 199 14.98 13.43 -17.03
C ALA D 199 16.35 12.80 -17.41
N LYS D 200 17.29 13.61 -17.90
CA LYS D 200 18.62 13.06 -18.25
C LYS D 200 19.29 12.39 -17.04
N GLY D 201 19.21 13.03 -15.87
CA GLY D 201 19.69 12.46 -14.60
C GLY D 201 18.88 11.25 -14.16
N SER D 203 19.73 8.29 -16.14
CA SER D 203 20.53 7.14 -16.54
C SER D 203 19.69 6.18 -17.38
N ASP D 204 20.34 5.50 -18.34
CA ASP D 204 19.66 4.63 -19.32
C ASP D 204 18.14 4.93 -19.47
N PHE D 205 17.81 6.03 -20.16
CA PHE D 205 16.43 6.54 -20.20
C PHE D 205 15.57 5.91 -21.30
N ASN D 206 16.02 6.00 -22.56
CA ASN D 206 15.32 5.35 -23.68
C ASN D 206 15.05 3.86 -23.44
N SER D 207 15.77 3.30 -22.47
CA SER D 207 15.57 1.95 -21.98
C SER D 207 14.17 1.85 -21.35
N ILE D 208 13.90 2.77 -20.43
CA ILE D 208 12.63 2.81 -19.70
C ILE D 208 11.44 3.10 -20.63
N LEU D 209 11.56 4.17 -21.44
CA LEU D 209 10.53 4.56 -22.43
C LEU D 209 10.18 3.48 -23.47
N LYS D 210 11.15 2.62 -23.77
CA LYS D 210 10.96 1.53 -24.72
C LYS D 210 10.19 0.43 -23.99
N ASP D 211 10.57 0.15 -22.76
CA ASP D 211 9.90 -0.90 -22.00
C ASP D 211 8.40 -0.66 -21.81
N ILE D 212 8.04 0.56 -21.41
CA ILE D 212 6.64 0.92 -21.18
C ILE D 212 5.75 0.65 -22.39
N GLU D 213 6.00 1.28 -23.53
CA GLU D 213 5.15 1.06 -24.70
C GLU D 213 4.93 -0.42 -25.01
N GLU D 214 5.87 -1.27 -24.58
CA GLU D 214 5.76 -2.71 -24.78
C GLU D 214 5.04 -3.42 -23.61
N ARG D 215 5.32 -2.97 -22.38
CA ARG D 215 4.92 -3.66 -21.14
C ARG D 215 3.69 -3.04 -20.41
N ALA D 216 3.46 -1.74 -20.56
CA ALA D 216 2.39 -1.04 -19.88
C ALA D 216 1.05 -1.33 -20.55
N PRO D 217 -0.05 -1.48 -19.77
CA PRO D 217 -1.32 -1.93 -20.34
C PRO D 217 -1.77 -1.23 -21.62
N LEU D 218 -1.53 0.09 -21.67
CA LEU D 218 -2.00 0.92 -22.77
C LEU D 218 -0.90 1.15 -23.77
N ARG D 219 0.02 0.19 -23.84
CA ARG D 219 1.04 0.08 -24.87
C ARG D 219 1.60 1.42 -25.34
N ARG D 220 1.74 2.38 -24.43
CA ARG D 220 2.26 3.68 -24.83
C ARG D 220 2.82 4.48 -23.65
N THR D 221 3.34 5.66 -23.94
CA THR D 221 3.96 6.51 -22.95
C THR D 221 3.00 7.62 -22.59
N THR D 222 3.25 8.25 -21.45
CA THR D 222 2.45 9.37 -21.00
C THR D 222 3.02 10.60 -21.66
N THR D 223 2.25 11.67 -21.61
CA THR D 223 2.62 12.94 -22.22
C THR D 223 2.41 13.99 -21.15
N PRO D 224 3.00 15.17 -21.30
CA PRO D 224 2.65 16.28 -20.42
C PRO D 224 1.16 16.67 -20.53
N GLU D 225 0.57 16.48 -21.70
CA GLU D 225 -0.85 16.72 -21.92
C GLU D 225 -1.76 15.90 -20.97
N GLU D 226 -1.62 14.57 -21.01
CA GLU D 226 -2.38 13.64 -20.20
C GLU D 226 -2.32 14.00 -18.73
N VAL D 227 -1.10 14.33 -18.28
CA VAL D 227 -0.83 14.76 -16.93
C VAL D 227 -1.56 16.07 -16.62
N GLY D 228 -1.48 17.04 -17.51
CA GLY D 228 -2.07 18.35 -17.33
C GLY D 228 -3.58 18.22 -17.28
N ASP D 229 -4.10 17.34 -18.11
CA ASP D 229 -5.52 17.08 -18.12
C ASP D 229 -5.99 16.51 -16.77
N THR D 230 -5.23 15.58 -16.20
CA THR D 230 -5.48 15.09 -14.85
C THR D 230 -5.35 16.22 -13.82
N ALA D 231 -4.33 17.05 -14.00
CA ALA D 231 -4.14 18.18 -13.11
C ALA D 231 -5.34 19.11 -13.16
N ALA D 232 -5.86 19.31 -14.37
CA ALA D 232 -6.94 20.22 -14.55
C ALA D 232 -8.15 19.75 -13.72
N PHE D 233 -8.47 18.46 -13.83
CA PHE D 233 -9.52 17.87 -13.01
C PHE D 233 -9.26 18.06 -11.51
N LEU D 234 -8.02 17.92 -11.08
CA LEU D 234 -7.66 17.99 -9.66
C LEU D 234 -7.83 19.37 -9.11
N PHE D 235 -7.52 20.37 -9.94
CA PHE D 235 -7.76 21.77 -9.60
C PHE D 235 -9.22 22.21 -9.72
N SER D 236 -10.00 21.51 -10.54
CA SER D 236 -11.42 21.78 -10.63
C SER D 236 -12.24 21.22 -9.45
N ASP D 237 -13.42 21.80 -9.23
CA ASP D 237 -14.39 21.30 -8.27
C ASP D 237 -14.92 19.91 -8.62
N MET D 238 -14.71 19.47 -9.84
CA MET D 238 -15.11 18.13 -10.26
C MET D 238 -14.48 17.11 -9.32
N SER D 239 -13.40 17.48 -8.64
CA SER D 239 -12.66 16.56 -7.78
C SER D 239 -12.76 16.94 -6.31
N ARG D 240 -13.76 17.78 -6.00
CA ARG D 240 -13.97 18.31 -4.65
C ARG D 240 -14.02 17.25 -3.57
N GLY D 241 -14.36 16.02 -3.94
CA GLY D 241 -14.41 14.91 -3.00
C GLY D 241 -13.08 14.18 -2.75
N ILE D 242 -12.00 14.68 -3.38
CA ILE D 242 -10.77 13.94 -3.46
C ILE D 242 -9.63 14.69 -2.75
N THR D 243 -9.18 14.18 -1.63
CA THR D 243 -8.02 14.79 -1.03
C THR D 243 -7.07 13.74 -0.48
N GLY D 244 -5.78 14.07 -0.40
CA GLY D 244 -4.76 13.11 0.01
C GLY D 244 -4.66 11.89 -0.88
N GLU D 245 -5.04 12.01 -2.14
CA GLU D 245 -4.91 10.87 -3.04
C GLU D 245 -3.67 10.97 -3.97
N ASN D 246 -3.27 9.84 -4.56
CA ASN D 246 -2.20 9.83 -5.52
C ASN D 246 -2.69 9.15 -6.78
N LEU D 247 -2.64 9.87 -7.89
CA LEU D 247 -3.23 9.36 -9.11
C LEU D 247 -2.11 9.01 -10.07
N HIS D 248 -2.02 7.74 -10.46
CA HIS D 248 -1.06 7.30 -11.48
C HIS D 248 -1.52 7.66 -12.91
N VAL D 249 -0.95 8.70 -13.46
CA VAL D 249 -1.12 9.04 -14.84
C VAL D 249 0.14 8.51 -15.54
N ASP D 250 0.08 7.26 -15.99
CA ASP D 250 1.24 6.52 -16.48
C ASP D 250 0.89 5.30 -17.37
N SER D 251 -0.18 5.40 -18.15
CA SER D 251 -0.64 4.29 -18.99
C SER D 251 -0.97 3.02 -18.22
N GLY D 252 -1.10 3.10 -16.90
CA GLY D 252 -1.35 1.92 -16.08
C GLY D 252 -0.11 1.11 -15.73
N PHE D 253 1.08 1.69 -15.97
CA PHE D 253 2.31 0.96 -15.71
C PHE D 253 2.40 0.51 -14.23
N HIS D 254 1.82 1.28 -13.32
CA HIS D 254 1.79 0.89 -11.91
C HIS D 254 1.22 -0.51 -11.64
N ILE D 255 0.32 -1.00 -12.49
CA ILE D 255 -0.19 -2.36 -12.23
C ILE D 255 0.73 -3.49 -12.75
N THR D 256 1.68 -3.14 -13.61
CA THR D 256 2.67 -4.11 -14.06
C THR D 256 4.02 -3.83 -13.38
N ALA D 257 4.46 -4.80 -12.60
CA ALA D 257 5.79 -4.77 -11.98
C ALA D 257 6.55 -6.12 -12.25
N ARG D 258 6.05 -6.87 -13.23
CA ARG D 258 6.28 -8.32 -13.34
C ARG D 258 6.44 -8.80 -14.79
PA NAD E . 13.73 5.70 23.16
O1A NAD E . 13.75 7.12 23.58
O2A NAD E . 13.80 4.75 24.30
O5B NAD E . 14.94 5.52 22.08
C5B NAD E . 15.22 6.47 21.06
C4B NAD E . 16.74 6.51 21.00
O4B NAD E . 17.34 7.25 19.92
C3B NAD E . 17.26 7.07 22.30
O3B NAD E . 18.05 6.09 22.90
C2B NAD E . 18.15 8.21 21.89
O2B NAD E . 19.24 8.35 22.77
C1B NAD E . 18.53 7.80 20.45
N9A NAD E . 19.01 8.96 19.71
C8A NAD E . 18.37 10.18 19.56
N7A NAD E . 19.14 11.01 18.83
C5A NAD E . 20.27 10.35 18.51
C6A NAD E . 21.40 10.75 17.80
N6A NAD E . 21.74 12.01 17.99
N1A NAD E . 22.43 9.83 17.61
C2A NAD E . 22.36 8.56 18.17
N3A NAD E . 21.25 8.18 18.89
C4A NAD E . 20.22 9.06 19.06
O3 NAD E . 12.31 5.47 22.44
PN NAD E . 11.85 4.26 21.46
O1N NAD E . 10.37 4.40 21.36
O2N NAD E . 12.42 2.96 21.89
O5D NAD E . 12.48 4.74 20.06
C5D NAD E . 13.31 3.88 19.30
C4D NAD E . 12.69 3.61 17.94
O4D NAD E . 11.45 2.93 18.06
C3D NAD E . 12.41 4.92 17.24
O3D NAD E . 12.81 4.85 15.87
C2D NAD E . 10.91 5.08 17.36
O2D NAD E . 10.41 5.86 16.31
C1D NAD E . 10.49 3.62 17.27
N1N NAD E . 9.10 3.35 17.67
C2N NAD E . 8.67 3.47 18.98
C3N NAD E . 7.34 3.18 19.33
C7N NAD E . 6.81 3.35 20.73
O7N NAD E . 5.42 3.50 20.90
N7N NAD E . 7.60 3.37 21.80
C4N NAD E . 6.46 2.76 18.33
C5N NAD E . 6.91 2.64 17.02
C6N NAD E . 8.24 2.93 16.71
C1 TCL F . 6.12 6.22 17.54
C2 TCL F . 5.42 6.10 18.76
C6 TCL F . 7.42 6.71 17.58
C5 TCL F . 8.01 7.07 18.89
C4 TCL F . 7.26 6.92 20.06
C3 TCL F . 5.96 6.44 19.99
C11 TCL F . 10.33 11.53 19.09
C10 TCL F . 11.34 10.61 19.05
C9 TCL F . 11.01 9.28 18.99
C8 TCL F . 9.59 8.85 18.97
C12 TCL F . 8.98 11.18 19.07
C13 TCL F . 8.60 9.84 19.01
O7 TCL F . 9.28 7.53 18.92
CL14 TCL F . 3.74 5.48 18.73
CL15 TCL F . 10.84 13.23 19.17
CL16 TCL F . 12.36 8.10 18.96
O17 TCL F . 8.15 6.88 16.45
PA NAD G . 11.88 19.78 -15.47
O1A NAD G . 13.35 19.83 -15.29
O2A NAD G . 11.49 20.30 -16.81
O5B NAD G . 11.20 20.57 -14.23
C5B NAD G . 11.90 20.55 -12.99
C4B NAD G . 11.75 21.90 -12.32
O4B NAD G . 12.26 21.92 -11.00
C3B NAD G . 12.48 22.97 -13.08
O3B NAD G . 11.53 23.98 -13.28
C2B NAD G . 13.50 23.51 -12.13
O2B NAD G . 13.66 24.90 -12.26
C1B NAD G . 12.82 23.21 -10.82
N9A NAD G . 13.72 23.43 -9.67
C8A NAD G . 14.87 22.75 -9.30
N7A NAD G . 15.35 23.34 -8.17
C5A NAD G . 14.55 24.38 -7.84
C6A NAD G . 14.56 25.33 -6.82
N6A NAD G . 15.45 25.28 -5.84
N1A NAD G . 13.57 26.31 -6.76
C2A NAD G . 12.58 26.34 -7.70
N3A NAD G . 12.56 25.41 -8.72
C4A NAD G . 13.53 24.45 -8.79
O3 NAD G . 11.48 18.22 -15.37
PN NAD G . 10.06 17.65 -14.89
O1N NAD G . 10.22 16.19 -15.04
O2N NAD G . 8.94 18.34 -15.59
O5D NAD G . 10.07 18.04 -13.33
C5D NAD G . 8.89 18.42 -12.63
C4D NAD G . 8.45 17.44 -11.54
O4D NAD G . 7.95 16.24 -12.11
C3D NAD G . 9.58 16.99 -10.63
O3D NAD G . 9.15 17.11 -9.29
C2D NAD G . 9.84 15.54 -11.03
O2D NAD G . 10.42 14.76 -10.01
C1D NAD G . 8.43 15.10 -11.40
N1N NAD G . 8.27 13.84 -12.15
C2N NAD G . 8.74 13.70 -13.43
C3N NAD G . 8.57 12.52 -14.13
C7N NAD G . 9.11 12.43 -15.54
O7N NAD G . 9.05 11.24 -16.29
N7N NAD G . 9.66 13.53 -16.03
C4N NAD G . 7.88 11.45 -13.54
C5N NAD G . 7.38 11.60 -12.25
C6N NAD G . 7.58 12.80 -11.57
C1 TCL H . 11.08 10.86 -12.46
C2 TCL H . 11.45 10.53 -13.76
C6 TCL H . 11.42 12.12 -12.00
C5 TCL H . 12.17 13.04 -12.90
C4 TCL H . 12.50 12.64 -14.20
C3 TCL H . 12.14 11.37 -14.61
C11 TCL H . 16.28 15.00 -10.76
C10 TCL H . 15.33 16.00 -10.71
C9 TCL H . 14.09 15.74 -11.23
C8 TCL H . 13.78 14.45 -11.87
C12 TCL H . 16.02 13.77 -11.34
C13 TCL H . 14.78 13.48 -11.89
O7 TCL H . 12.53 14.26 -12.41
CL14 TCL H . 10.98 8.94 -14.38
CL15 TCL H . 17.85 15.40 -10.05
CL16 TCL H . 12.85 17.02 -11.19
O17 TCL H . 11.12 12.53 -10.74
#